data_6PBJ
#
_entry.id   6PBJ
#
_cell.length_a   204.251
_cell.length_b   204.251
_cell.length_c   66.551
_cell.angle_alpha   90.000
_cell.angle_beta   90.000
_cell.angle_gamma   120.000
#
_symmetry.space_group_name_H-M   'P 32 2 1'
#
loop_
_entity.id
_entity.type
_entity.pdbx_description
1 polymer 'Phospho-2-dehydro-3-deoxyheptonate aldolase'
2 non-polymer 'PHOSPHATE ION'
3 non-polymer 'SULFATE ION'
4 non-polymer 'MANGANESE (II) ION'
5 non-polymer 'CHLORIDE ION'
6 non-polymer DI(HYDROXYETHYL)ETHER
7 non-polymer 'TETRAETHYLENE GLYCOL'
8 water water
#
_entity_poly.entity_id   1
_entity_poly.type   'polypeptide(L)'
_entity_poly.pdbx_seq_one_letter_code
;GAMNWTVDIPIDQLPSLPPLPTDLRTRLDAALAKPAAQQPTWPADQALAMRTVLESVPPVTVPSEIVRLQEQLAQVAKGE
AFLLQGGDCAETFMDNTEPHIRGNVRALLQMAVVLTYGASMPVVKVARIAGQYAKPRSADIDALGLRSYRGDMINGFAPD
AAAREHDPSRLVRAYANASAAMNLVRALTSSPLASLHLVHDWNREFVRTSPAGARYEALATEIDRGLRFMSACGVADRNL
QTAEIYASHEALVLDYERAMLRLSDGDDGEPQLFDLSAHTVWIGERTRQIDGAHIAFAQVIANPVGVKLGPNMTPELAVE
YVERLDPHNKPGRLTLVSRMGNHKVRDLLPPIVEKVQATGHQVIWQCDPMHGNTHESSTGFKTRHFDRIVDEVQGFFEVH
RALGTHPGGIHVEITGENVTECLGGAQDISETDLAGRYETACDPRLNTQQSLELAFLVAEMLRD
;
_entity_poly.pdbx_strand_id   A,B
#
loop_
_chem_comp.id
_chem_comp.type
_chem_comp.name
_chem_comp.formula
CL non-polymer 'CHLORIDE ION' 'Cl -1'
MN non-polymer 'MANGANESE (II) ION' 'Mn 2'
PEG non-polymer DI(HYDROXYETHYL)ETHER 'C4 H10 O3'
PG4 non-polymer 'TETRAETHYLENE GLYCOL' 'C8 H18 O5'
PO4 non-polymer 'PHOSPHATE ION' 'O4 P -3'
SO4 non-polymer 'SULFATE ION' 'O4 S -2'
#
# COMPACT_ATOMS: atom_id res chain seq x y z
N GLY A 1 26.89 6.44 11.83
CA GLY A 1 27.86 5.58 11.13
C GLY A 1 28.19 4.32 11.94
N ALA A 2 29.36 3.73 11.68
CA ALA A 2 29.80 2.46 12.29
C ALA A 2 30.01 2.64 13.80
N MET A 3 30.35 3.84 14.27
CA MET A 3 30.78 4.02 15.68
C MET A 3 29.56 4.16 16.60
N ASN A 4 28.45 4.74 16.11
CA ASN A 4 27.25 5.06 16.97
C ASN A 4 26.00 4.23 16.58
N TRP A 5 26.12 3.20 15.73
CA TRP A 5 24.98 2.29 15.39
C TRP A 5 23.81 3.07 14.77
N THR A 6 24.10 4.01 13.88
CA THR A 6 23.05 4.71 13.08
C THR A 6 23.51 4.80 11.64
N VAL A 7 22.57 4.82 10.71
CA VAL A 7 22.81 5.05 9.27
C VAL A 7 22.15 6.38 8.91
N ASP A 8 22.81 7.17 8.09
CA ASP A 8 22.28 8.42 7.50
C ASP A 8 21.78 8.09 6.10
N ILE A 9 20.52 8.34 5.85
CA ILE A 9 19.91 8.12 4.51
C ILE A 9 19.73 9.48 3.84
N PRO A 10 20.47 9.79 2.75
CA PRO A 10 20.28 11.02 2.01
C PRO A 10 18.85 11.22 1.53
N ILE A 11 18.39 12.46 1.61
CA ILE A 11 17.07 12.87 1.07
C ILE A 11 17.33 13.42 -0.32
N ASP A 12 16.98 12.62 -1.32
CA ASP A 12 17.05 13.00 -2.75
C ASP A 12 16.29 14.32 -2.91
N GLN A 13 16.96 15.32 -3.46
CA GLN A 13 16.35 16.63 -3.82
C GLN A 13 15.91 16.49 -5.27
N LEU A 14 14.62 16.32 -5.49
CA LEU A 14 14.11 15.97 -6.82
C LEU A 14 13.22 17.09 -7.32
N PRO A 15 13.03 17.18 -8.65
CA PRO A 15 12.28 18.26 -9.27
C PRO A 15 10.84 18.35 -8.77
N SER A 16 10.39 19.58 -8.62
CA SER A 16 9.01 19.93 -8.20
C SER A 16 8.04 19.58 -9.32
N LEU A 17 6.85 19.15 -8.95
CA LEU A 17 5.69 19.11 -9.84
C LEU A 17 5.16 20.55 -9.95
N PRO A 18 4.26 20.83 -10.90
CA PRO A 18 3.56 22.11 -10.93
C PRO A 18 2.92 22.49 -9.58
N PRO A 19 2.91 23.79 -9.22
CA PRO A 19 2.32 24.22 -7.95
C PRO A 19 0.79 23.99 -7.95
N LEU A 20 0.19 23.90 -6.77
CA LEU A 20 -1.28 23.87 -6.63
C LEU A 20 -1.84 25.21 -7.15
N PRO A 21 -3.13 25.28 -7.55
CA PRO A 21 -3.68 26.54 -8.10
C PRO A 21 -3.54 27.75 -7.17
N THR A 22 -3.36 28.93 -7.74
CA THR A 22 -3.09 30.17 -6.97
C THR A 22 -4.29 30.48 -6.09
N ASP A 23 -5.53 30.28 -6.57
CA ASP A 23 -6.73 30.64 -5.78
C ASP A 23 -6.81 29.74 -4.53
N LEU A 24 -6.62 28.44 -4.69
CA LEU A 24 -6.63 27.49 -3.55
C LEU A 24 -5.45 27.76 -2.63
N ARG A 25 -4.26 28.06 -3.16
CA ARG A 25 -3.08 28.42 -2.29
C ARG A 25 -3.38 29.71 -1.50
N THR A 26 -4.10 30.67 -2.10
CA THR A 26 -4.42 31.97 -1.46
C THR A 26 -5.34 31.68 -0.27
N ARG A 27 -6.31 30.80 -0.44
CA ARG A 27 -7.18 30.37 0.67
C ARG A 27 -6.39 29.62 1.76
N LEU A 28 -5.54 28.68 1.37
CA LEU A 28 -4.66 27.98 2.34
C LEU A 28 -3.78 28.99 3.11
N ASP A 29 -3.15 29.95 2.45
CA ASP A 29 -2.31 31.00 3.08
C ASP A 29 -3.13 31.75 4.15
N ALA A 30 -4.38 32.13 3.88
CA ALA A 30 -5.24 32.84 4.85
C ALA A 30 -5.50 31.96 6.07
N ALA A 31 -5.79 30.66 5.89
CA ALA A 31 -6.02 29.70 6.99
C ALA A 31 -4.76 29.54 7.85
N LEU A 32 -3.60 29.44 7.23
CA LEU A 32 -2.32 29.14 7.91
C LEU A 32 -1.73 30.42 8.54
N ALA A 33 -2.27 31.60 8.26
CA ALA A 33 -1.91 32.86 8.95
C ALA A 33 -2.50 32.88 10.35
N LYS A 34 -3.46 32.03 10.64
CA LYS A 34 -4.09 31.96 11.97
C LYS A 34 -3.09 31.28 12.90
N PRO A 35 -3.14 31.58 14.21
CA PRO A 35 -2.25 30.93 15.16
C PRO A 35 -2.47 29.42 15.17
N ALA A 36 -1.39 28.65 15.28
CA ALA A 36 -1.44 27.17 15.41
C ALA A 36 -0.76 26.78 16.73
N ALA A 37 -1.48 26.13 17.63
CA ALA A 37 -0.96 25.58 18.89
C ALA A 37 -0.16 24.30 18.60
N GLN A 38 0.79 23.98 19.47
CA GLN A 38 1.43 22.64 19.58
C GLN A 38 2.25 22.31 18.32
N GLN A 39 2.76 23.32 17.59
CA GLN A 39 3.57 23.10 16.37
C GLN A 39 5.03 22.88 16.75
N PRO A 40 5.76 22.04 15.99
CA PRO A 40 7.18 21.83 16.23
C PRO A 40 7.95 23.17 16.15
N THR A 41 9.09 23.25 16.78
CA THR A 41 9.86 24.52 16.90
C THR A 41 11.03 24.54 15.94
N TRP A 42 11.03 23.70 14.92
CA TRP A 42 12.13 23.71 13.93
C TRP A 42 12.09 24.98 13.08
N PRO A 43 13.26 25.38 12.58
CA PRO A 43 13.37 26.59 11.76
C PRO A 43 12.58 26.52 10.45
N ALA A 44 12.11 27.68 9.99
CA ALA A 44 11.26 27.81 8.80
C ALA A 44 12.01 27.29 7.57
N ASP A 45 13.30 27.54 7.45
CA ASP A 45 14.06 27.16 6.23
C ASP A 45 14.13 25.62 6.12
N GLN A 46 14.30 24.94 7.25
CA GLN A 46 14.34 23.46 7.30
C GLN A 46 12.95 22.91 7.01
N ALA A 47 11.89 23.50 7.58
CA ALA A 47 10.49 23.08 7.35
C ALA A 47 10.17 23.21 5.86
N LEU A 48 10.48 24.35 5.27
CA LEU A 48 10.24 24.64 3.84
C LEU A 48 10.95 23.58 2.99
N ALA A 49 12.22 23.33 3.23
CA ALA A 49 13.02 22.35 2.46
C ALA A 49 12.30 20.98 2.51
N MET A 50 11.91 20.54 3.69
CA MET A 50 11.32 19.18 3.89
C MET A 50 9.90 19.10 3.30
N ARG A 51 9.10 20.15 3.40
CA ARG A 51 7.76 20.24 2.73
C ARG A 51 7.93 20.11 1.21
N THR A 52 8.91 20.78 0.64
CA THR A 52 9.17 20.76 -0.80
C THR A 52 9.44 19.32 -1.28
N VAL A 53 10.14 18.50 -0.49
CA VAL A 53 10.36 17.07 -0.85
C VAL A 53 8.98 16.40 -0.93
N LEU A 54 8.15 16.59 0.09
CA LEU A 54 6.88 15.86 0.19
C LEU A 54 5.88 16.32 -0.88
N GLU A 55 6.05 17.51 -1.47
CA GLU A 55 5.05 18.06 -2.42
C GLU A 55 5.02 17.19 -3.67
N SER A 56 6.09 16.45 -3.98
CA SER A 56 6.16 15.73 -5.26
C SER A 56 6.03 14.20 -5.07
N VAL A 57 5.95 13.70 -3.85
CA VAL A 57 5.92 12.23 -3.60
C VAL A 57 4.54 11.66 -3.93
N PRO A 58 4.47 10.35 -4.30
CA PRO A 58 3.16 9.68 -4.44
C PRO A 58 2.33 9.81 -3.18
N PRO A 59 1.03 10.08 -3.32
CA PRO A 59 0.17 10.24 -2.17
C PRO A 59 -0.04 8.91 -1.42
N VAL A 60 -0.42 9.02 -0.15
CA VAL A 60 -0.79 7.88 0.70
C VAL A 60 -2.16 7.39 0.26
N THR A 61 -3.08 8.31 -0.03
CA THR A 61 -4.47 8.02 -0.41
C THR A 61 -4.78 8.70 -1.74
N VAL A 62 -5.84 8.30 -2.41
CA VAL A 62 -6.31 8.99 -3.63
C VAL A 62 -7.72 9.53 -3.42
N PRO A 63 -8.08 10.61 -4.15
CA PRO A 63 -9.36 11.29 -3.97
C PRO A 63 -10.62 10.43 -4.07
N SER A 64 -10.67 9.48 -4.99
CA SER A 64 -11.81 8.54 -5.15
C SER A 64 -12.06 7.73 -3.88
N GLU A 65 -11.04 7.37 -3.12
CA GLU A 65 -11.22 6.66 -1.81
C GLU A 65 -11.84 7.60 -0.75
N ILE A 66 -11.47 8.86 -0.75
CA ILE A 66 -12.01 9.89 0.16
C ILE A 66 -13.48 10.18 -0.22
N VAL A 67 -13.78 10.24 -1.50
CA VAL A 67 -15.19 10.38 -1.99
C VAL A 67 -16.00 9.15 -1.54
N ARG A 68 -15.46 7.92 -1.66
CA ARG A 68 -16.18 6.69 -1.21
C ARG A 68 -16.35 6.72 0.31
N LEU A 69 -15.32 7.11 1.07
CA LEU A 69 -15.45 7.20 2.53
C LEU A 69 -16.58 8.19 2.90
N GLN A 70 -16.62 9.34 2.24
CA GLN A 70 -17.63 10.40 2.48
C GLN A 70 -19.05 9.82 2.29
N GLU A 71 -19.25 9.05 1.23
CA GLU A 71 -20.54 8.36 0.94
C GLU A 71 -20.89 7.42 2.10
N GLN A 72 -19.92 6.69 2.63
CA GLN A 72 -20.19 5.71 3.70
C GLN A 72 -20.45 6.45 5.02
N LEU A 73 -19.77 7.57 5.26
CA LEU A 73 -19.94 8.37 6.49
C LEU A 73 -21.32 9.07 6.44
N ALA A 74 -21.81 9.41 5.24
CA ALA A 74 -23.16 9.97 5.05
C ALA A 74 -24.17 8.94 5.58
N GLN A 75 -23.96 7.66 5.27
CA GLN A 75 -24.79 6.52 5.76
C GLN A 75 -24.73 6.42 7.29
N VAL A 76 -23.54 6.60 7.89
CA VAL A 76 -23.39 6.61 9.37
C VAL A 76 -24.22 7.77 9.95
N ALA A 77 -24.07 8.96 9.41
CA ALA A 77 -24.75 10.19 9.90
C ALA A 77 -26.28 9.95 9.91
N LYS A 78 -26.79 9.13 9.00
CA LYS A 78 -28.25 8.94 8.77
C LYS A 78 -28.74 7.74 9.54
N GLY A 79 -27.88 7.13 10.35
CA GLY A 79 -28.21 5.99 11.24
C GLY A 79 -28.31 4.68 10.48
N GLU A 80 -27.65 4.53 9.32
CA GLU A 80 -27.75 3.30 8.50
C GLU A 80 -26.40 2.57 8.40
N ALA A 81 -25.37 3.09 9.08
CA ALA A 81 -24.08 2.41 9.28
C ALA A 81 -23.48 2.86 10.61
N PHE A 82 -22.51 2.11 11.12
CA PHE A 82 -21.78 2.41 12.38
C PHE A 82 -20.30 2.61 12.05
N LEU A 83 -19.64 3.56 12.70
CA LEU A 83 -18.21 3.88 12.48
C LEU A 83 -17.37 3.20 13.56
N LEU A 84 -16.42 2.36 13.14
CA LEU A 84 -15.40 1.80 14.04
C LEU A 84 -14.06 2.45 13.73
N GLN A 85 -13.50 3.21 14.67
CA GLN A 85 -12.22 3.89 14.44
C GLN A 85 -11.27 3.45 15.54
N GLY A 86 -10.13 2.88 15.16
CA GLY A 86 -9.20 2.39 16.16
C GLY A 86 -7.84 2.05 15.64
N GLY A 87 -6.91 1.94 16.58
CA GLY A 87 -5.50 1.55 16.36
C GLY A 87 -4.64 2.13 17.46
N ASP A 88 -3.35 2.26 17.20
CA ASP A 88 -2.33 2.74 18.15
C ASP A 88 -2.71 4.12 18.66
N CYS A 89 -2.48 4.36 19.95
CA CYS A 89 -2.44 5.73 20.50
C CYS A 89 -1.41 6.53 19.73
N ALA A 90 -0.17 6.04 19.65
CA ALA A 90 0.87 6.63 18.81
C ALA A 90 1.62 5.53 18.05
N GLU A 91 1.67 5.63 16.73
CA GLU A 91 2.52 4.75 15.91
C GLU A 91 3.97 5.14 16.13
N THR A 92 4.89 4.19 16.11
CA THR A 92 6.35 4.48 16.15
C THR A 92 6.97 3.88 14.92
N PHE A 93 8.04 4.48 14.42
CA PHE A 93 8.77 3.94 13.27
C PHE A 93 9.28 2.54 13.63
N MET A 94 9.76 2.37 14.87
N MET A 94 9.77 2.35 14.86
CA MET A 94 10.38 1.12 15.37
CA MET A 94 10.41 1.07 15.24
C MET A 94 9.35 -0.02 15.30
C MET A 94 9.35 -0.05 15.29
N ASP A 95 8.09 0.27 15.58
CA ASP A 95 7.00 -0.75 15.67
C ASP A 95 6.21 -0.84 14.37
N ASN A 96 6.62 -0.12 13.33
CA ASN A 96 5.89 -0.05 12.03
C ASN A 96 6.34 -1.29 11.25
N THR A 97 5.94 -2.46 11.73
CA THR A 97 6.35 -3.76 11.18
C THR A 97 5.13 -4.52 10.68
N GLU A 98 5.38 -5.52 9.86
N GLU A 98 5.40 -5.53 9.89
CA GLU A 98 4.35 -6.44 9.33
CA GLU A 98 4.37 -6.44 9.35
C GLU A 98 3.58 -7.09 10.49
C GLU A 98 3.58 -7.07 10.50
N PRO A 99 4.20 -7.70 11.53
CA PRO A 99 3.40 -8.31 12.59
C PRO A 99 2.51 -7.31 13.33
N HIS A 100 3.00 -6.09 13.57
CA HIS A 100 2.23 -5.09 14.34
C HIS A 100 1.06 -4.63 13.48
N ILE A 101 1.32 -4.32 12.22
CA ILE A 101 0.26 -3.83 11.31
C ILE A 101 -0.80 -4.94 11.12
N ARG A 102 -0.35 -6.18 10.89
N ARG A 102 -0.35 -6.17 10.89
CA ARG A 102 -1.26 -7.35 10.72
CA ARG A 102 -1.24 -7.36 10.72
C ARG A 102 -2.13 -7.51 11.97
C ARG A 102 -2.13 -7.51 11.97
N GLY A 103 -1.54 -7.37 13.16
CA GLY A 103 -2.27 -7.45 14.45
C GLY A 103 -3.37 -6.40 14.55
N ASN A 104 -3.10 -5.16 14.16
CA ASN A 104 -4.07 -4.03 14.25
C ASN A 104 -5.16 -4.20 13.20
N VAL A 105 -4.82 -4.74 12.01
CA VAL A 105 -5.80 -5.02 10.93
C VAL A 105 -6.71 -6.16 11.37
N ARG A 106 -6.15 -7.24 11.94
CA ARG A 106 -6.93 -8.39 12.48
C ARG A 106 -7.93 -7.88 13.52
N ALA A 107 -7.47 -7.09 14.49
CA ALA A 107 -8.27 -6.56 15.61
C ALA A 107 -9.46 -5.76 15.07
N LEU A 108 -9.23 -4.85 14.13
CA LEU A 108 -10.29 -4.01 13.53
C LEU A 108 -11.30 -4.93 12.82
N LEU A 109 -10.84 -5.89 12.04
CA LEU A 109 -11.74 -6.76 11.26
C LEU A 109 -12.59 -7.59 12.24
N GLN A 110 -11.98 -8.13 13.28
CA GLN A 110 -12.66 -8.97 14.32
C GLN A 110 -13.73 -8.14 15.02
N MET A 111 -13.34 -6.98 15.53
CA MET A 111 -14.29 -6.02 16.17
C MET A 111 -15.42 -5.68 15.19
N ALA A 112 -15.10 -5.43 13.92
CA ALA A 112 -16.10 -4.95 12.95
C ALA A 112 -17.16 -6.03 12.70
N VAL A 113 -16.77 -7.30 12.63
N VAL A 113 -16.78 -7.29 12.63
CA VAL A 113 -17.76 -8.40 12.35
CA VAL A 113 -17.79 -8.37 12.34
C VAL A 113 -18.72 -8.50 13.54
C VAL A 113 -18.72 -8.51 13.55
N VAL A 114 -18.20 -8.43 14.77
CA VAL A 114 -19.02 -8.46 16.02
C VAL A 114 -20.01 -7.29 16.02
N LEU A 115 -19.55 -6.07 15.73
CA LEU A 115 -20.38 -4.85 15.73
C LEU A 115 -21.39 -4.92 14.60
N THR A 116 -21.02 -5.48 13.44
CA THR A 116 -21.95 -5.62 12.30
C THR A 116 -23.13 -6.52 12.73
N TYR A 117 -22.82 -7.64 13.36
CA TYR A 117 -23.85 -8.57 13.85
C TYR A 117 -24.75 -7.87 14.88
N GLY A 118 -24.15 -7.18 15.85
CA GLY A 118 -24.92 -6.48 16.91
C GLY A 118 -25.75 -5.34 16.37
N ALA A 119 -25.20 -4.54 15.46
CA ALA A 119 -25.87 -3.34 14.94
C ALA A 119 -26.89 -3.69 13.85
N SER A 120 -26.74 -4.85 13.18
CA SER A 120 -27.53 -5.21 11.98
C SER A 120 -27.41 -4.11 10.94
N MET A 121 -26.24 -3.50 10.81
CA MET A 121 -25.98 -2.55 9.71
C MET A 121 -24.49 -2.57 9.42
N PRO A 122 -24.05 -2.05 8.27
CA PRO A 122 -22.63 -2.03 7.90
C PRO A 122 -21.79 -1.26 8.93
N VAL A 123 -20.53 -1.67 9.08
CA VAL A 123 -19.51 -0.99 9.93
C VAL A 123 -18.45 -0.44 9.01
N VAL A 124 -18.24 0.86 9.09
CA VAL A 124 -17.15 1.54 8.38
C VAL A 124 -15.88 1.43 9.23
N LYS A 125 -14.80 0.90 8.66
CA LYS A 125 -13.54 0.64 9.41
C LYS A 125 -12.52 1.72 9.08
N VAL A 126 -12.15 2.51 10.09
CA VAL A 126 -11.12 3.58 9.95
C VAL A 126 -10.02 3.29 10.97
N ALA A 127 -8.85 2.96 10.49
CA ALA A 127 -7.66 2.66 11.30
C ALA A 127 -6.99 3.97 11.68
N ARG A 128 -6.50 4.06 12.91
CA ARG A 128 -5.49 5.05 13.32
C ARG A 128 -4.17 4.47 12.89
N ILE A 129 -3.71 4.81 11.69
CA ILE A 129 -2.57 4.08 11.07
C ILE A 129 -2.04 4.93 9.94
N ALA A 130 -0.80 4.65 9.53
CA ALA A 130 -0.10 5.28 8.41
C ALA A 130 -0.12 6.82 8.58
N GLY A 131 0.25 7.33 9.74
CA GLY A 131 0.37 8.79 9.94
C GLY A 131 0.10 9.28 11.34
N GLN A 132 -0.20 8.41 12.31
CA GLN A 132 -0.43 8.78 13.73
C GLN A 132 0.92 8.90 14.46
N TYR A 133 1.74 9.87 14.04
CA TYR A 133 3.13 9.99 14.56
C TYR A 133 3.36 11.33 15.26
N ALA A 134 2.30 12.04 15.63
CA ALA A 134 2.43 13.35 16.30
C ALA A 134 1.40 13.50 17.41
N LYS A 135 1.85 14.07 18.50
CA LYS A 135 0.99 14.27 19.69
C LYS A 135 1.34 15.61 20.30
N PRO A 136 0.35 16.25 20.92
CA PRO A 136 0.57 17.49 21.64
C PRO A 136 1.21 17.12 22.97
N ARG A 137 1.70 18.10 23.69
CA ARG A 137 2.13 17.85 25.08
C ARG A 137 1.71 19.02 25.93
N SER A 138 1.15 18.73 27.09
CA SER A 138 0.75 19.75 28.10
C SER A 138 2.02 20.29 28.75
N ALA A 139 2.95 19.39 29.09
CA ALA A 139 4.15 19.62 29.92
C ALA A 139 5.30 20.13 29.06
N ASP A 140 5.77 21.33 29.37
CA ASP A 140 6.98 21.93 28.77
C ASP A 140 8.12 20.94 29.00
N ILE A 141 8.24 20.40 30.21
CA ILE A 141 9.40 19.58 30.60
C ILE A 141 8.89 18.27 31.22
N ASP A 142 9.36 17.13 30.71
CA ASP A 142 8.88 15.83 31.21
C ASP A 142 9.59 15.48 32.54
N ALA A 143 9.27 14.31 33.09
CA ALA A 143 9.70 13.85 34.43
C ALA A 143 11.22 13.61 34.47
N LEU A 144 11.88 13.40 33.32
CA LEU A 144 13.34 13.18 33.23
C LEU A 144 14.08 14.53 33.05
N GLY A 145 13.36 15.62 33.03
CA GLY A 145 13.95 16.98 32.84
C GLY A 145 14.18 17.31 31.38
N LEU A 146 13.56 16.57 30.46
CA LEU A 146 13.82 16.68 29.00
C LEU A 146 12.65 17.40 28.33
N ARG A 147 12.91 18.05 27.21
CA ARG A 147 11.83 18.49 26.30
C ARG A 147 10.98 17.27 26.01
N SER A 148 9.67 17.40 25.94
CA SER A 148 8.75 16.26 25.84
C SER A 148 8.89 15.56 24.49
N TYR A 149 8.71 14.26 24.49
CA TYR A 149 8.46 13.45 23.28
C TYR A 149 7.14 13.90 22.69
N ARG A 150 7.14 14.21 21.39
N ARG A 150 7.14 14.24 21.40
CA ARG A 150 5.97 14.75 20.67
CA ARG A 150 5.96 14.76 20.68
C ARG A 150 5.59 13.79 19.53
C ARG A 150 5.59 13.81 19.52
N GLY A 151 6.13 12.58 19.52
CA GLY A 151 5.84 11.61 18.43
C GLY A 151 6.95 11.60 17.44
N ASP A 152 7.08 10.51 16.69
CA ASP A 152 8.22 10.21 15.78
C ASP A 152 8.29 11.18 14.60
N MET A 153 7.20 11.84 14.21
CA MET A 153 7.19 12.85 13.14
C MET A 153 7.96 14.11 13.61
N ILE A 154 8.11 14.31 14.92
CA ILE A 154 8.71 15.55 15.51
C ILE A 154 10.09 15.27 16.14
N ASN A 155 10.20 14.29 17.03
CA ASN A 155 11.43 14.02 17.79
C ASN A 155 11.42 12.55 18.20
N GLY A 156 12.45 12.10 18.90
CA GLY A 156 12.63 10.68 19.27
C GLY A 156 12.21 10.41 20.69
N PHE A 157 11.75 9.20 20.95
CA PHE A 157 11.29 8.72 22.25
C PHE A 157 12.47 8.59 23.21
N ALA A 158 13.67 8.28 22.69
CA ALA A 158 14.88 7.99 23.51
C ALA A 158 15.07 9.16 24.50
N PRO A 159 15.27 8.85 25.80
CA PRO A 159 15.44 9.90 26.81
C PRO A 159 16.82 10.54 26.79
N ASP A 160 17.14 11.30 25.72
CA ASP A 160 18.38 12.08 25.60
C ASP A 160 18.10 13.32 24.78
N ALA A 161 18.79 14.40 25.10
CA ALA A 161 18.54 15.76 24.60
C ALA A 161 18.59 15.77 23.07
N ALA A 162 19.60 15.13 22.48
CA ALA A 162 19.82 15.16 21.02
C ALA A 162 18.60 14.54 20.32
N ALA A 163 18.11 13.41 20.82
CA ALA A 163 16.94 12.71 20.24
C ALA A 163 15.70 13.61 20.34
N ARG A 164 15.62 14.47 21.35
CA ARG A 164 14.37 15.23 21.63
C ARG A 164 14.35 16.50 20.80
N GLU A 165 15.43 16.86 20.12
CA GLU A 165 15.40 18.09 19.28
C GLU A 165 14.42 17.85 18.11
N HIS A 166 13.66 18.87 17.74
CA HIS A 166 12.64 18.82 16.66
C HIS A 166 13.36 18.83 15.32
N ASP A 167 13.24 17.76 14.52
CA ASP A 167 14.00 17.62 13.25
C ASP A 167 13.04 17.27 12.12
N PRO A 168 12.86 18.18 11.14
CA PRO A 168 11.83 18.00 10.12
C PRO A 168 12.25 16.99 9.06
N SER A 169 13.45 16.41 9.19
CA SER A 169 13.80 15.20 8.41
C SER A 169 12.84 14.09 8.82
N ARG A 170 12.23 14.19 10.01
CA ARG A 170 11.25 13.22 10.51
C ARG A 170 9.93 13.39 9.73
N LEU A 171 9.70 14.50 9.00
CA LEU A 171 8.51 14.63 8.11
C LEU A 171 8.66 13.62 6.97
N VAL A 172 9.87 13.50 6.41
CA VAL A 172 10.15 12.58 5.28
C VAL A 172 10.14 11.14 5.80
N ARG A 173 10.74 10.88 6.97
CA ARG A 173 10.71 9.54 7.58
C ARG A 173 9.26 9.11 7.87
N ALA A 174 8.42 10.04 8.32
CA ALA A 174 7.00 9.78 8.60
C ALA A 174 6.27 9.36 7.33
N TYR A 175 6.45 10.10 6.23
CA TYR A 175 5.87 9.82 4.89
C TYR A 175 6.27 8.41 4.44
N ALA A 176 7.57 8.06 4.52
CA ALA A 176 8.09 6.73 4.09
C ALA A 176 7.39 5.63 4.91
N ASN A 177 7.22 5.84 6.21
CA ASN A 177 6.60 4.86 7.15
C ASN A 177 5.10 4.77 6.89
N ALA A 178 4.45 5.90 6.61
CA ALA A 178 3.03 6.00 6.22
C ALA A 178 2.75 5.23 4.93
N SER A 179 3.52 5.51 3.88
N SER A 179 3.51 5.54 3.87
CA SER A 179 3.31 4.88 2.54
CA SER A 179 3.40 4.90 2.52
C SER A 179 3.56 3.37 2.65
C SER A 179 3.56 3.37 2.67
N ALA A 180 4.55 2.93 3.43
CA ALA A 180 4.86 1.49 3.59
C ALA A 180 3.75 0.81 4.40
N ALA A 181 3.25 1.45 5.44
CA ALA A 181 2.16 0.91 6.24
C ALA A 181 0.90 0.83 5.36
N MET A 182 0.62 1.87 4.56
CA MET A 182 -0.63 1.90 3.78
C MET A 182 -0.55 0.85 2.68
N ASN A 183 0.63 0.65 2.10
CA ASN A 183 0.85 -0.39 1.11
C ASN A 183 0.45 -1.75 1.72
N LEU A 184 0.94 -2.07 2.90
CA LEU A 184 0.63 -3.35 3.57
C LEU A 184 -0.85 -3.44 3.92
N VAL A 185 -1.47 -2.38 4.45
CA VAL A 185 -2.93 -2.39 4.76
C VAL A 185 -3.73 -2.75 3.51
N ARG A 186 -3.43 -2.15 2.36
CA ARG A 186 -4.10 -2.42 1.05
C ARG A 186 -3.92 -3.91 0.69
N ALA A 187 -2.69 -4.45 0.82
CA ALA A 187 -2.35 -5.85 0.52
C ALA A 187 -3.15 -6.76 1.47
N LEU A 188 -3.13 -6.49 2.77
CA LEU A 188 -3.79 -7.37 3.76
C LEU A 188 -5.31 -7.36 3.53
N THR A 189 -5.91 -6.22 3.18
CA THR A 189 -7.39 -6.14 3.09
C THR A 189 -7.90 -6.85 1.84
N SER A 190 -7.03 -7.15 0.86
CA SER A 190 -7.37 -8.00 -0.31
C SER A 190 -6.82 -9.41 -0.14
N SER A 191 -6.29 -9.75 1.04
CA SER A 191 -5.64 -11.04 1.31
C SER A 191 -6.64 -11.98 1.99
N PRO A 192 -6.25 -13.25 2.25
CA PRO A 192 -7.09 -14.18 3.03
C PRO A 192 -7.33 -13.75 4.47
N LEU A 193 -6.56 -12.79 4.99
CA LEU A 193 -6.81 -12.23 6.35
C LEU A 193 -8.20 -11.62 6.42
N ALA A 194 -8.71 -11.09 5.31
CA ALA A 194 -9.99 -10.35 5.26
C ALA A 194 -11.16 -11.30 5.04
N SER A 195 -10.96 -12.61 5.00
CA SER A 195 -12.04 -13.62 4.88
C SER A 195 -12.85 -13.71 6.16
N LEU A 196 -14.18 -13.59 6.07
CA LEU A 196 -15.12 -13.80 7.20
C LEU A 196 -14.96 -15.21 7.78
N HIS A 197 -14.49 -16.17 6.99
CA HIS A 197 -14.25 -17.58 7.44
C HIS A 197 -13.38 -17.59 8.71
N LEU A 198 -12.43 -16.67 8.84
CA LEU A 198 -11.40 -16.70 9.93
C LEU A 198 -12.02 -16.30 11.27
N VAL A 199 -13.19 -15.67 11.25
CA VAL A 199 -13.85 -15.11 12.47
C VAL A 199 -14.22 -16.22 13.45
N HIS A 200 -14.62 -17.40 12.95
N HIS A 200 -14.62 -17.41 12.97
CA HIS A 200 -14.95 -18.59 13.77
CA HIS A 200 -14.96 -18.56 13.84
C HIS A 200 -13.80 -18.82 14.78
C HIS A 200 -13.79 -18.80 14.80
N ASP A 201 -12.59 -19.05 14.26
CA ASP A 201 -11.41 -19.42 15.08
C ASP A 201 -10.98 -18.22 15.94
N TRP A 202 -11.06 -16.98 15.43
CA TRP A 202 -10.69 -15.77 16.21
C TRP A 202 -11.58 -15.66 17.45
N ASN A 203 -12.90 -15.77 17.27
CA ASN A 203 -13.89 -15.60 18.36
C ASN A 203 -13.78 -16.80 19.31
N ARG A 204 -13.62 -18.01 18.75
CA ARG A 204 -13.40 -19.27 19.51
C ARG A 204 -12.18 -19.11 20.43
N GLU A 205 -11.04 -18.66 19.89
CA GLU A 205 -9.80 -18.41 20.68
C GLU A 205 -10.13 -17.41 21.78
N PHE A 206 -10.81 -16.32 21.45
CA PHE A 206 -11.18 -15.25 22.41
C PHE A 206 -12.03 -15.82 23.55
N VAL A 207 -13.05 -16.63 23.22
CA VAL A 207 -14.01 -17.20 24.21
C VAL A 207 -13.27 -18.20 25.11
N ARG A 208 -12.32 -18.96 24.56
CA ARG A 208 -11.61 -20.06 25.26
C ARG A 208 -10.52 -19.48 26.17
N THR A 209 -9.87 -18.37 25.79
CA THR A 209 -8.67 -17.83 26.47
C THR A 209 -9.03 -16.62 27.33
N SER A 210 -10.25 -16.08 27.21
CA SER A 210 -10.79 -15.03 28.12
C SER A 210 -11.32 -15.69 29.38
N PRO A 211 -10.95 -15.21 30.59
CA PRO A 211 -11.56 -15.71 31.82
C PRO A 211 -13.07 -15.40 31.87
N ALA A 212 -13.51 -14.28 31.28
CA ALA A 212 -14.93 -13.88 31.14
C ALA A 212 -15.48 -14.40 29.81
N GLY A 213 -14.83 -15.41 29.26
CA GLY A 213 -15.17 -16.01 27.94
C GLY A 213 -16.60 -16.48 27.93
N ALA A 214 -16.98 -17.31 28.91
CA ALA A 214 -18.32 -17.90 29.06
C ALA A 214 -19.39 -16.80 28.93
N ARG A 215 -19.05 -15.56 29.26
CA ARG A 215 -19.99 -14.41 29.21
C ARG A 215 -20.29 -14.05 27.74
N TYR A 216 -19.36 -14.32 26.81
CA TYR A 216 -19.44 -13.88 25.39
C TYR A 216 -19.73 -15.07 24.46
N GLU A 217 -19.82 -16.27 25.04
CA GLU A 217 -19.92 -17.56 24.30
C GLU A 217 -21.19 -17.55 23.44
N ALA A 218 -22.31 -17.07 24.00
CA ALA A 218 -23.63 -17.10 23.34
C ALA A 218 -23.60 -16.19 22.10
N LEU A 219 -23.08 -14.98 22.23
CA LEU A 219 -23.01 -14.04 21.09
C LEU A 219 -22.00 -14.57 20.05
N ALA A 220 -20.88 -15.16 20.49
CA ALA A 220 -19.87 -15.71 19.56
C ALA A 220 -20.52 -16.86 18.76
N THR A 221 -21.36 -17.67 19.40
CA THR A 221 -22.09 -18.80 18.76
C THR A 221 -23.11 -18.27 17.75
N GLU A 222 -23.85 -17.24 18.12
CA GLU A 222 -24.83 -16.56 17.25
C GLU A 222 -24.10 -16.11 15.98
N ILE A 223 -22.97 -15.41 16.13
CA ILE A 223 -22.21 -14.87 14.97
C ILE A 223 -21.79 -16.05 14.07
N ASP A 224 -21.25 -17.12 14.66
N ASP A 224 -21.26 -17.13 14.66
CA ASP A 224 -20.81 -18.33 13.94
CA ASP A 224 -20.80 -18.32 13.90
C ASP A 224 -21.99 -18.95 13.18
C ASP A 224 -21.99 -18.95 13.16
N ARG A 225 -23.15 -19.08 13.82
CA ARG A 225 -24.38 -19.65 13.19
C ARG A 225 -24.83 -18.70 12.07
N GLY A 226 -24.73 -17.40 12.29
CA GLY A 226 -24.94 -16.35 11.28
C GLY A 226 -24.06 -16.52 10.05
N LEU A 227 -22.75 -16.67 10.25
CA LEU A 227 -21.75 -16.83 9.14
C LEU A 227 -22.06 -18.13 8.40
N ARG A 228 -22.37 -19.19 9.11
CA ARG A 228 -22.60 -20.52 8.49
C ARG A 228 -23.89 -20.49 7.67
N PHE A 229 -24.91 -19.81 8.15
CA PHE A 229 -26.17 -19.55 7.42
C PHE A 229 -25.88 -18.80 6.12
N MET A 230 -25.04 -17.76 6.17
CA MET A 230 -24.67 -16.97 4.95
C MET A 230 -24.09 -17.91 3.91
N SER A 231 -23.12 -18.72 4.32
CA SER A 231 -22.43 -19.71 3.46
C SER A 231 -23.44 -20.75 2.94
N ALA A 232 -24.33 -21.25 3.80
CA ALA A 232 -25.38 -22.23 3.43
C ALA A 232 -26.33 -21.64 2.38
N CYS A 233 -26.52 -20.32 2.40
CA CYS A 233 -27.38 -19.57 1.43
C CYS A 233 -26.62 -19.38 0.11
N GLY A 234 -25.34 -19.75 0.06
CA GLY A 234 -24.52 -19.78 -1.17
C GLY A 234 -23.54 -18.61 -1.28
N VAL A 235 -23.38 -17.81 -0.22
CA VAL A 235 -22.48 -16.62 -0.21
C VAL A 235 -21.03 -17.07 0.03
N ALA A 236 -20.18 -16.95 -0.99
CA ALA A 236 -18.73 -17.20 -0.93
C ALA A 236 -17.99 -15.85 -0.84
N ASP A 237 -16.71 -15.84 -0.44
CA ASP A 237 -15.91 -14.59 -0.35
C ASP A 237 -16.02 -13.83 -1.67
N ARG A 238 -15.94 -14.55 -2.79
CA ARG A 238 -15.98 -13.99 -4.18
C ARG A 238 -17.21 -13.10 -4.36
N ASN A 239 -18.24 -13.27 -3.53
CA ASN A 239 -19.56 -12.60 -3.69
C ASN A 239 -19.70 -11.42 -2.72
N LEU A 240 -18.65 -11.10 -1.96
CA LEU A 240 -18.70 -10.01 -0.94
C LEU A 240 -17.77 -8.86 -1.36
N GLN A 241 -18.14 -7.62 -1.02
CA GLN A 241 -17.28 -6.41 -1.16
C GLN A 241 -15.94 -6.67 -0.48
N THR A 242 -14.83 -6.48 -1.18
CA THR A 242 -13.47 -6.52 -0.59
C THR A 242 -13.48 -5.64 0.67
N ALA A 243 -12.83 -6.09 1.75
CA ALA A 243 -12.71 -5.34 3.01
C ALA A 243 -12.06 -3.99 2.72
N GLU A 244 -12.63 -2.91 3.25
CA GLU A 244 -12.05 -1.55 3.08
C GLU A 244 -11.64 -1.03 4.45
N ILE A 245 -10.36 -0.79 4.68
CA ILE A 245 -9.90 -0.14 5.94
C ILE A 245 -9.28 1.19 5.53
N TYR A 246 -9.86 2.27 6.02
CA TYR A 246 -9.41 3.65 5.71
C TYR A 246 -8.35 4.04 6.73
N ALA A 247 -7.55 5.02 6.37
CA ALA A 247 -6.45 5.54 7.19
C ALA A 247 -6.87 6.88 7.77
N SER A 248 -6.50 7.10 9.03
CA SER A 248 -6.74 8.33 9.78
C SER A 248 -5.60 8.63 10.73
N HIS A 249 -5.48 9.88 11.10
CA HIS A 249 -4.60 10.35 12.17
C HIS A 249 -5.04 11.76 12.59
N GLU A 250 -4.57 12.21 13.74
CA GLU A 250 -4.83 13.61 14.15
C GLU A 250 -4.02 14.54 13.26
N ALA A 251 -4.69 15.48 12.61
CA ALA A 251 -4.03 16.49 11.79
C ALA A 251 -3.41 17.49 12.77
N LEU A 252 -2.17 17.27 13.17
CA LEU A 252 -1.47 18.08 14.21
C LEU A 252 -0.34 18.88 13.59
N VAL A 253 0.51 18.25 12.79
CA VAL A 253 1.73 18.91 12.27
C VAL A 253 1.37 19.51 10.92
N LEU A 254 1.17 20.82 10.87
CA LEU A 254 0.55 21.46 9.67
C LEU A 254 1.56 21.50 8.54
N ASP A 255 2.86 21.48 8.82
CA ASP A 255 3.91 21.31 7.79
C ASP A 255 3.69 20.02 7.00
N TYR A 256 3.38 18.93 7.67
CA TYR A 256 3.16 17.61 7.02
C TYR A 256 1.86 17.66 6.22
N GLU A 257 0.77 18.03 6.87
CA GLU A 257 -0.57 18.09 6.24
C GLU A 257 -0.55 19.01 5.00
N ARG A 258 0.06 20.18 5.08
CA ARG A 258 0.05 21.09 3.92
C ARG A 258 0.89 20.51 2.77
N ALA A 259 2.01 19.83 3.02
CA ALA A 259 2.86 19.31 1.94
C ALA A 259 2.16 18.13 1.26
N MET A 260 1.23 17.48 1.96
CA MET A 260 0.50 16.31 1.41
C MET A 260 -0.83 16.74 0.74
N LEU A 261 -1.06 18.05 0.55
CA LEU A 261 -2.26 18.52 -0.20
C LEU A 261 -2.07 18.23 -1.69
N ARG A 262 -3.13 17.74 -2.34
CA ARG A 262 -3.14 17.56 -3.80
C ARG A 262 -4.46 18.06 -4.35
N LEU A 263 -4.45 18.39 -5.62
CA LEU A 263 -5.62 18.92 -6.35
C LEU A 263 -6.48 17.79 -6.90
N SER A 264 -7.81 17.86 -6.70
CA SER A 264 -8.83 17.05 -7.38
C SER A 264 -10.18 17.82 -7.38
N ASP A 265 -11.06 17.49 -8.31
CA ASP A 265 -12.45 18.02 -8.41
C ASP A 265 -13.35 17.42 -7.32
N GLY A 269 -17.93 19.21 -9.14
CA GLY A 269 -16.76 19.09 -10.05
C GLY A 269 -15.90 20.35 -10.07
N GLU A 270 -15.85 21.09 -8.96
CA GLU A 270 -14.98 22.28 -8.75
C GLU A 270 -13.63 21.83 -8.21
N PRO A 271 -12.51 22.44 -8.63
CA PRO A 271 -11.19 22.09 -8.11
C PRO A 271 -11.17 22.27 -6.60
N GLN A 272 -10.58 21.30 -5.90
CA GLN A 272 -10.52 21.25 -4.42
C GLN A 272 -9.16 20.71 -4.00
N LEU A 273 -8.73 21.13 -2.82
CA LEU A 273 -7.57 20.55 -2.11
C LEU A 273 -8.06 19.32 -1.33
N PHE A 274 -7.37 18.21 -1.53
CA PHE A 274 -7.52 17.00 -0.70
C PHE A 274 -6.23 16.81 0.07
N ASP A 275 -6.35 16.46 1.34
CA ASP A 275 -5.17 16.05 2.14
C ASP A 275 -4.99 14.56 1.86
N LEU A 276 -3.99 14.19 1.07
CA LEU A 276 -3.79 12.77 0.66
C LEU A 276 -2.75 12.10 1.55
N SER A 277 -2.59 12.57 2.79
CA SER A 277 -1.77 11.86 3.80
C SER A 277 -2.64 10.80 4.45
N ALA A 278 -3.96 10.88 4.25
CA ALA A 278 -4.95 10.04 4.96
C ALA A 278 -6.28 10.12 4.23
N HIS A 279 -7.26 9.36 4.70
CA HIS A 279 -8.63 9.45 4.18
C HIS A 279 -9.36 10.52 4.97
N THR A 280 -9.23 10.43 6.29
CA THR A 280 -9.93 11.32 7.24
C THR A 280 -8.97 11.68 8.34
N VAL A 281 -9.10 12.88 8.86
CA VAL A 281 -8.24 13.40 9.94
C VAL A 281 -9.17 14.03 10.97
N TRP A 282 -8.71 14.10 12.20
CA TRP A 282 -9.43 14.81 13.26
C TRP A 282 -8.55 15.90 13.86
N ILE A 283 -9.19 16.79 14.58
CA ILE A 283 -8.51 17.92 15.25
C ILE A 283 -8.68 17.67 16.74
N GLY A 284 -7.59 17.66 17.49
CA GLY A 284 -7.57 17.34 18.91
C GLY A 284 -8.09 18.48 19.82
N GLU A 285 -8.33 18.09 21.07
CA GLU A 285 -8.77 18.93 22.21
C GLU A 285 -7.92 20.19 22.30
N ARG A 286 -6.61 20.09 22.14
CA ARG A 286 -5.67 21.20 22.42
C ARG A 286 -5.42 22.05 21.18
N THR A 287 -5.96 21.72 20.00
CA THR A 287 -5.66 22.45 18.73
C THR A 287 -6.95 22.85 18.03
N ARG A 288 -8.12 22.71 18.66
CA ARG A 288 -9.42 23.01 17.99
C ARG A 288 -9.87 24.46 18.22
N GLN A 289 -8.97 25.39 18.50
CA GLN A 289 -9.31 26.81 18.69
C GLN A 289 -10.12 27.26 17.47
N ILE A 290 -11.29 27.83 17.71
CA ILE A 290 -12.28 28.15 16.64
C ILE A 290 -11.65 29.10 15.62
N ASP A 291 -10.77 29.99 16.06
CA ASP A 291 -10.10 30.97 15.16
C ASP A 291 -8.65 30.53 14.87
N GLY A 292 -8.31 29.27 15.15
CA GLY A 292 -6.94 28.73 14.97
C GLY A 292 -6.71 28.06 13.62
N ALA A 293 -5.46 27.75 13.28
CA ALA A 293 -5.03 27.30 11.94
C ALA A 293 -5.58 25.91 11.66
N HIS A 294 -5.73 25.09 12.69
CA HIS A 294 -6.17 23.68 12.50
C HIS A 294 -7.61 23.64 11.99
N ILE A 295 -8.53 24.28 12.69
CA ILE A 295 -9.94 24.36 12.21
C ILE A 295 -9.97 25.00 10.81
N ALA A 296 -9.22 26.06 10.57
CA ALA A 296 -9.21 26.76 9.27
C ALA A 296 -8.66 25.81 8.18
N PHE A 297 -7.66 24.99 8.49
CA PHE A 297 -7.07 24.04 7.53
C PHE A 297 -8.15 23.00 7.15
N ALA A 298 -8.85 22.47 8.16
CA ALA A 298 -9.98 21.53 8.02
C ALA A 298 -11.08 22.15 7.13
N GLN A 299 -11.29 23.46 7.22
CA GLN A 299 -12.31 24.16 6.38
C GLN A 299 -11.91 24.09 4.91
N VAL A 300 -10.62 24.12 4.61
CA VAL A 300 -10.10 24.27 3.23
C VAL A 300 -10.01 22.89 2.54
N ILE A 301 -9.88 21.79 3.28
CA ILE A 301 -9.71 20.44 2.66
C ILE A 301 -11.07 19.76 2.44
N ALA A 302 -11.10 18.85 1.50
CA ALA A 302 -12.29 18.12 1.05
C ALA A 302 -12.56 16.92 1.94
N ASN A 303 -11.53 16.40 2.63
CA ASN A 303 -11.65 15.18 3.48
C ASN A 303 -12.75 15.34 4.50
N PRO A 304 -13.46 14.25 4.81
CA PRO A 304 -14.25 14.19 6.03
C PRO A 304 -13.35 14.43 7.24
N VAL A 305 -13.84 15.18 8.22
CA VAL A 305 -13.04 15.64 9.37
C VAL A 305 -13.80 15.35 10.65
N GLY A 306 -13.05 15.21 11.73
CA GLY A 306 -13.54 15.03 13.11
C GLY A 306 -13.03 16.13 14.02
N VAL A 307 -13.81 16.47 15.05
CA VAL A 307 -13.35 17.36 16.15
C VAL A 307 -13.64 16.69 17.47
N LYS A 308 -12.62 16.61 18.33
CA LYS A 308 -12.72 16.06 19.68
C LYS A 308 -13.45 17.08 20.57
N LEU A 309 -14.44 16.64 21.33
CA LEU A 309 -15.19 17.52 22.26
C LEU A 309 -14.99 17.01 23.69
N GLY A 310 -14.24 17.76 24.50
CA GLY A 310 -13.95 17.44 25.90
C GLY A 310 -14.99 18.06 26.83
N PRO A 311 -14.84 17.85 28.16
CA PRO A 311 -15.82 18.31 29.13
C PRO A 311 -16.06 19.84 29.22
N ASN A 312 -15.17 20.66 28.69
CA ASN A 312 -15.31 22.16 28.70
C ASN A 312 -16.14 22.61 27.51
N MET A 313 -16.62 21.69 26.68
CA MET A 313 -17.35 22.03 25.45
C MET A 313 -18.71 22.59 25.85
N THR A 314 -19.10 23.68 25.24
CA THR A 314 -20.46 24.27 25.30
C THR A 314 -21.20 23.91 24.03
N PRO A 315 -22.55 23.84 24.10
CA PRO A 315 -23.37 23.71 22.91
C PRO A 315 -23.16 24.80 21.86
N GLU A 316 -22.92 26.05 22.30
CA GLU A 316 -22.68 27.20 21.39
C GLU A 316 -21.41 26.93 20.56
N LEU A 317 -20.33 26.49 21.18
CA LEU A 317 -19.06 26.24 20.45
C LEU A 317 -19.25 25.03 19.52
N ALA A 318 -19.95 23.99 19.96
CA ALA A 318 -20.21 22.79 19.10
C ALA A 318 -20.92 23.27 17.83
N VAL A 319 -21.85 24.19 17.96
CA VAL A 319 -22.62 24.68 16.79
C VAL A 319 -21.72 25.53 15.88
N GLU A 320 -20.77 26.29 16.44
CA GLU A 320 -19.78 27.08 15.65
C GLU A 320 -18.91 26.11 14.82
N TYR A 321 -18.51 24.97 15.38
CA TYR A 321 -17.75 23.93 14.62
C TYR A 321 -18.59 23.48 13.43
N VAL A 322 -19.88 23.23 13.68
CA VAL A 322 -20.82 22.77 12.64
C VAL A 322 -20.88 23.81 11.53
N GLU A 323 -20.98 25.09 11.87
CA GLU A 323 -21.11 26.16 10.84
C GLU A 323 -19.80 26.35 10.08
N ARG A 324 -18.64 26.20 10.73
CA ARG A 324 -17.32 26.40 10.06
C ARG A 324 -17.00 25.19 9.18
N LEU A 325 -17.30 23.98 9.64
CA LEU A 325 -16.74 22.73 9.04
C LEU A 325 -17.79 22.02 8.18
N ASP A 326 -19.08 22.32 8.34
CA ASP A 326 -20.13 21.72 7.49
C ASP A 326 -21.00 22.80 6.86
N PRO A 327 -20.39 23.83 6.24
CA PRO A 327 -21.16 24.98 5.73
C PRO A 327 -22.16 24.61 4.62
N HIS A 328 -21.94 23.49 3.93
CA HIS A 328 -22.77 23.07 2.77
C HIS A 328 -23.76 21.98 3.18
N ASN A 329 -23.86 21.64 4.47
CA ASN A 329 -24.83 20.62 4.98
C ASN A 329 -24.62 19.31 4.20
N LYS A 330 -23.45 18.70 4.35
CA LYS A 330 -23.13 17.40 3.73
C LYS A 330 -23.05 16.38 4.85
N PRO A 331 -24.05 15.49 5.01
CA PRO A 331 -24.05 14.52 6.10
C PRO A 331 -22.74 13.73 6.18
N GLY A 332 -22.17 13.63 7.37
CA GLY A 332 -20.97 12.81 7.62
C GLY A 332 -19.69 13.52 7.23
N ARG A 333 -19.75 14.74 6.68
CA ARG A 333 -18.53 15.53 6.42
C ARG A 333 -17.90 15.84 7.79
N LEU A 334 -18.73 16.04 8.83
CA LEU A 334 -18.24 16.40 10.17
C LEU A 334 -18.61 15.33 11.18
N THR A 335 -17.62 14.86 11.93
CA THR A 335 -17.81 13.94 13.06
C THR A 335 -17.49 14.68 14.34
N LEU A 336 -18.42 14.68 15.29
CA LEU A 336 -18.16 15.28 16.64
C LEU A 336 -17.86 14.15 17.61
N VAL A 337 -16.62 14.12 18.13
CA VAL A 337 -16.12 12.97 18.92
C VAL A 337 -16.20 13.33 20.40
N SER A 338 -17.16 12.74 21.11
CA SER A 338 -17.36 12.90 22.58
C SER A 338 -16.23 12.23 23.35
N ARG A 339 -15.49 12.97 24.18
CA ARG A 339 -14.55 12.39 25.16
C ARG A 339 -14.73 13.14 26.49
N MET A 340 -15.71 12.72 27.31
CA MET A 340 -16.23 13.52 28.45
C MET A 340 -15.74 12.93 29.78
N GLY A 341 -15.47 11.62 29.81
CA GLY A 341 -15.31 10.80 31.04
C GLY A 341 -16.63 10.13 31.39
N ASN A 342 -16.60 8.93 31.96
CA ASN A 342 -17.83 8.12 32.18
C ASN A 342 -18.76 8.85 33.18
N HIS A 343 -18.19 9.57 34.16
CA HIS A 343 -18.96 10.26 35.23
C HIS A 343 -19.68 11.50 34.66
N LYS A 344 -19.26 12.02 33.49
CA LYS A 344 -19.75 13.34 32.99
C LYS A 344 -20.54 13.22 31.69
N VAL A 345 -20.34 12.17 30.88
CA VAL A 345 -20.94 12.13 29.51
C VAL A 345 -22.48 12.22 29.62
N ARG A 346 -23.09 11.56 30.61
CA ARG A 346 -24.58 11.53 30.73
C ARG A 346 -25.14 12.93 31.02
N ASP A 347 -24.36 13.79 31.68
CA ASP A 347 -24.76 15.18 32.05
C ASP A 347 -24.37 16.16 30.95
N LEU A 348 -23.14 16.08 30.43
CA LEU A 348 -22.56 17.13 29.55
C LEU A 348 -22.96 16.94 28.08
N LEU A 349 -23.17 15.69 27.60
CA LEU A 349 -23.39 15.45 26.14
C LEU A 349 -24.81 15.88 25.73
N PRO A 350 -25.89 15.59 26.50
CA PRO A 350 -27.23 15.88 26.02
C PRO A 350 -27.47 17.31 25.50
N PRO A 351 -27.13 18.40 26.23
CA PRO A 351 -27.37 19.73 25.70
C PRO A 351 -26.58 20.06 24.42
N ILE A 352 -25.38 19.47 24.24
CA ILE A 352 -24.58 19.64 23.00
C ILE A 352 -25.32 19.00 21.83
N VAL A 353 -25.77 17.75 22.01
CA VAL A 353 -26.49 16.99 20.94
C VAL A 353 -27.76 17.76 20.55
N GLU A 354 -28.56 18.20 21.52
CA GLU A 354 -29.83 18.93 21.24
C GLU A 354 -29.55 20.12 20.33
N LYS A 355 -28.61 21.01 20.71
CA LYS A 355 -28.32 22.29 20.03
C LYS A 355 -27.80 22.04 18.62
N VAL A 356 -26.94 21.04 18.45
CA VAL A 356 -26.40 20.70 17.11
C VAL A 356 -27.51 20.09 16.24
N GLN A 357 -28.31 19.17 16.78
CA GLN A 357 -29.46 18.57 16.05
C GLN A 357 -30.36 19.69 15.53
N ALA A 358 -30.47 20.81 16.24
CA ALA A 358 -31.44 21.90 15.92
C ALA A 358 -30.94 22.73 14.74
N THR A 359 -29.66 22.60 14.36
CA THR A 359 -29.08 23.30 13.19
C THR A 359 -29.66 22.76 11.89
N GLY A 360 -30.22 21.54 11.93
CA GLY A 360 -30.62 20.78 10.72
C GLY A 360 -29.42 20.13 10.02
N HIS A 361 -28.21 20.31 10.54
CA HIS A 361 -26.99 19.66 10.00
C HIS A 361 -26.94 18.24 10.56
N GLN A 362 -26.44 17.28 9.79
CA GLN A 362 -26.32 15.88 10.26
C GLN A 362 -24.83 15.52 10.47
N VAL A 363 -24.37 15.61 11.70
CA VAL A 363 -23.01 15.16 12.08
C VAL A 363 -23.05 13.68 12.41
N ILE A 364 -21.90 13.05 12.42
CA ILE A 364 -21.72 11.76 13.11
C ILE A 364 -21.43 12.07 14.57
N TRP A 365 -22.17 11.45 15.49
CA TRP A 365 -21.85 11.37 16.93
C TRP A 365 -20.99 10.15 17.17
N GLN A 366 -19.73 10.36 17.53
CA GLN A 366 -18.80 9.27 17.84
C GLN A 366 -18.34 9.39 19.28
N CYS A 367 -18.26 8.26 19.97
CA CYS A 367 -17.77 8.14 21.35
C CYS A 367 -16.28 7.80 21.35
N ASP A 368 -15.47 8.66 21.94
CA ASP A 368 -14.08 8.35 22.37
C ASP A 368 -14.07 8.15 23.88
N PRO A 369 -14.17 6.89 24.37
CA PRO A 369 -14.24 6.62 25.79
C PRO A 369 -12.89 6.47 26.49
N MET A 370 -11.79 6.79 25.81
CA MET A 370 -10.41 6.61 26.32
C MET A 370 -9.94 7.90 27.00
N HIS A 371 -10.01 9.02 26.27
CA HIS A 371 -9.21 10.26 26.50
C HIS A 371 -9.75 11.05 27.69
N GLY A 372 -10.97 10.76 28.10
CA GLY A 372 -11.65 11.43 29.24
C GLY A 372 -11.58 10.58 30.49
N ASN A 373 -11.02 9.37 30.37
CA ASN A 373 -10.90 8.42 31.50
C ASN A 373 -9.41 8.18 31.77
N THR A 383 -2.75 5.48 33.55
CA THR A 383 -3.46 4.25 33.13
C THR A 383 -4.98 4.50 33.07
N ARG A 384 -5.73 3.49 32.60
CA ARG A 384 -7.18 3.56 32.24
C ARG A 384 -7.86 2.27 32.74
N HIS A 385 -8.96 2.38 33.50
CA HIS A 385 -9.79 1.22 33.94
C HIS A 385 -10.74 0.83 32.81
N PHE A 386 -10.68 -0.41 32.36
CA PHE A 386 -11.61 -0.98 31.35
C PHE A 386 -13.06 -0.60 31.68
N ASP A 387 -13.48 -0.77 32.94
CA ASP A 387 -14.90 -0.63 33.36
C ASP A 387 -15.38 0.80 33.09
N ARG A 388 -14.53 1.80 33.36
CA ARG A 388 -14.87 3.23 33.14
C ARG A 388 -15.00 3.49 31.63
N ILE A 389 -14.14 2.85 30.82
CA ILE A 389 -14.19 2.95 29.34
C ILE A 389 -15.53 2.39 28.86
N VAL A 390 -15.90 1.18 29.30
CA VAL A 390 -17.19 0.55 28.95
C VAL A 390 -18.34 1.49 29.39
N ASP A 391 -18.27 2.03 30.60
CA ASP A 391 -19.36 2.86 31.17
C ASP A 391 -19.53 4.16 30.37
N GLU A 392 -18.46 4.75 29.82
CA GLU A 392 -18.65 6.00 29.04
C GLU A 392 -19.41 5.66 27.75
N VAL A 393 -19.10 4.54 27.10
CA VAL A 393 -19.83 4.15 25.86
C VAL A 393 -21.30 3.88 26.25
N GLN A 394 -21.52 3.18 27.38
CA GLN A 394 -22.90 2.90 27.89
C GLN A 394 -23.65 4.23 28.01
N GLY A 395 -23.03 5.24 28.63
CA GLY A 395 -23.64 6.56 28.85
C GLY A 395 -23.93 7.27 27.54
N PHE A 396 -23.00 7.22 26.60
CA PHE A 396 -23.15 7.76 25.23
C PHE A 396 -24.40 7.14 24.58
N PHE A 397 -24.57 5.82 24.66
CA PHE A 397 -25.74 5.11 24.07
C PHE A 397 -27.01 5.62 24.76
N GLU A 398 -26.98 5.73 26.09
CA GLU A 398 -28.13 6.25 26.88
C GLU A 398 -28.50 7.66 26.40
N VAL A 399 -27.53 8.54 26.21
CA VAL A 399 -27.80 9.95 25.81
C VAL A 399 -28.56 9.94 24.48
N HIS A 400 -28.09 9.19 23.48
CA HIS A 400 -28.70 9.15 22.12
C HIS A 400 -30.08 8.50 22.18
N ARG A 401 -30.23 7.40 22.92
CA ARG A 401 -31.50 6.63 23.01
C ARG A 401 -32.57 7.57 23.57
N ALA A 402 -32.23 8.32 24.63
CA ALA A 402 -33.10 9.34 25.26
C ALA A 402 -33.49 10.43 24.26
N LEU A 403 -32.57 10.87 23.39
CA LEU A 403 -32.79 12.02 22.50
C LEU A 403 -33.32 11.58 21.13
N GLY A 404 -33.29 10.27 20.83
CA GLY A 404 -33.71 9.69 19.55
C GLY A 404 -32.73 9.98 18.44
N THR A 405 -31.47 10.22 18.81
CA THR A 405 -30.36 10.50 17.88
C THR A 405 -29.54 9.22 17.68
N HIS A 406 -28.64 9.24 16.70
N HIS A 406 -28.62 9.26 16.73
CA HIS A 406 -27.87 8.03 16.30
CA HIS A 406 -27.87 8.07 16.28
C HIS A 406 -26.55 8.00 17.05
C HIS A 406 -26.55 8.00 17.02
N PRO A 407 -26.32 6.95 17.85
CA PRO A 407 -25.01 6.71 18.44
C PRO A 407 -24.17 6.13 17.28
N GLY A 408 -23.38 6.98 16.62
CA GLY A 408 -22.83 6.74 15.26
C GLY A 408 -21.57 5.89 15.27
N GLY A 409 -20.79 5.87 16.34
CA GLY A 409 -19.58 5.05 16.34
C GLY A 409 -18.73 5.21 17.56
N ILE A 410 -17.59 4.51 17.56
CA ILE A 410 -16.58 4.58 18.64
C ILE A 410 -15.21 4.89 18.04
N HIS A 411 -14.40 5.59 18.81
CA HIS A 411 -12.99 5.90 18.51
C HIS A 411 -12.15 5.34 19.67
N VAL A 412 -11.41 4.26 19.46
CA VAL A 412 -10.70 3.53 20.57
C VAL A 412 -9.21 3.39 20.23
N GLU A 413 -8.37 3.32 21.27
CA GLU A 413 -6.92 3.04 21.13
C GLU A 413 -6.66 1.61 21.56
N ILE A 414 -6.17 0.81 20.61
CA ILE A 414 -6.12 -0.68 20.67
C ILE A 414 -4.84 -1.16 20.04
N THR A 415 -4.46 -2.40 20.31
CA THR A 415 -3.41 -3.13 19.57
C THR A 415 -3.73 -4.62 19.58
N GLY A 416 -3.31 -5.35 18.52
CA GLY A 416 -3.47 -6.81 18.42
C GLY A 416 -2.36 -7.56 19.16
N GLU A 417 -1.70 -6.90 20.13
CA GLU A 417 -0.68 -7.51 21.03
C GLU A 417 -1.31 -7.75 22.40
N ASN A 418 -0.88 -8.79 23.12
CA ASN A 418 -1.31 -9.07 24.51
C ASN A 418 -0.45 -8.20 25.45
N VAL A 419 -0.54 -6.87 25.29
CA VAL A 419 0.19 -5.89 26.15
C VAL A 419 -0.57 -5.76 27.46
N THR A 420 0.02 -5.10 28.45
CA THR A 420 -0.56 -4.88 29.79
C THR A 420 -0.53 -3.36 30.04
N GLU A 421 -1.54 -2.65 29.56
CA GLU A 421 -1.54 -1.16 29.53
C GLU A 421 -2.81 -0.62 30.20
N CYS A 422 -3.98 -1.20 29.90
CA CYS A 422 -5.27 -0.86 30.54
C CYS A 422 -5.55 -1.90 31.65
N LEU A 423 -5.98 -1.40 32.83
CA LEU A 423 -6.45 -2.21 33.99
C LEU A 423 -7.77 -2.86 33.62
N GLY A 424 -8.13 -3.98 34.27
CA GLY A 424 -9.42 -4.64 34.11
C GLY A 424 -9.43 -5.57 32.91
N GLY A 425 -10.61 -5.73 32.30
CA GLY A 425 -10.92 -6.84 31.38
C GLY A 425 -11.07 -8.15 32.16
N ALA A 426 -11.36 -9.24 31.46
CA ALA A 426 -11.46 -10.61 32.00
C ALA A 426 -10.09 -11.04 32.56
N GLN A 427 -9.01 -10.41 32.09
CA GLN A 427 -7.60 -10.72 32.46
C GLN A 427 -7.27 -10.17 33.86
N ASP A 428 -8.16 -9.35 34.44
CA ASP A 428 -7.98 -8.68 35.76
C ASP A 428 -6.57 -8.09 35.83
N ILE A 429 -6.13 -7.40 34.78
CA ILE A 429 -4.81 -6.70 34.73
C ILE A 429 -4.77 -5.68 35.88
N SER A 430 -3.77 -5.77 36.76
CA SER A 430 -3.65 -4.99 38.02
C SER A 430 -2.64 -3.85 37.86
N GLU A 439 3.98 -1.22 26.31
CA GLU A 439 4.85 -0.95 25.13
C GLU A 439 4.43 0.36 24.42
N THR A 440 3.28 0.95 24.79
CA THR A 440 2.80 2.24 24.23
C THR A 440 3.88 3.30 24.46
N ALA A 441 4.11 4.17 23.46
CA ALA A 441 4.97 5.37 23.57
C ALA A 441 4.10 6.57 23.95
N CYS A 442 2.89 6.31 24.45
CA CYS A 442 1.88 7.33 24.84
C CYS A 442 0.87 6.73 25.83
N ASP A 443 -0.42 6.93 25.57
CA ASP A 443 -1.50 6.52 26.51
C ASP A 443 -1.67 5.01 26.46
N PRO A 444 -2.32 4.40 27.48
CA PRO A 444 -2.55 2.96 27.49
C PRO A 444 -3.59 2.54 26.43
N ARG A 445 -3.25 1.49 25.68
CA ARG A 445 -4.17 0.85 24.70
C ARG A 445 -4.85 -0.34 25.36
N LEU A 446 -6.06 -0.67 24.89
CA LEU A 446 -6.71 -1.96 25.15
C LEU A 446 -5.91 -3.00 24.38
N ASN A 447 -5.55 -4.13 25.00
CA ASN A 447 -4.85 -5.22 24.30
C ASN A 447 -5.86 -5.91 23.38
N THR A 448 -5.40 -6.89 22.60
CA THR A 448 -6.23 -7.71 21.68
C THR A 448 -7.51 -8.14 22.43
N GLN A 449 -7.38 -8.73 23.63
CA GLN A 449 -8.53 -9.32 24.36
C GLN A 449 -9.50 -8.23 24.81
N GLN A 450 -9.03 -7.11 25.36
CA GLN A 450 -9.90 -6.03 25.91
C GLN A 450 -10.64 -5.35 24.74
N SER A 451 -9.97 -5.17 23.60
CA SER A 451 -10.57 -4.47 22.46
C SER A 451 -11.70 -5.35 21.89
N LEU A 452 -11.52 -6.66 21.85
CA LEU A 452 -12.55 -7.62 21.41
C LEU A 452 -13.69 -7.63 22.44
N GLU A 453 -13.36 -7.68 23.72
CA GLU A 453 -14.36 -7.66 24.81
C GLU A 453 -15.25 -6.43 24.65
N LEU A 454 -14.65 -5.25 24.39
CA LEU A 454 -15.40 -4.00 24.21
C LEU A 454 -16.34 -4.14 23.00
N ALA A 455 -15.90 -4.75 21.92
CA ALA A 455 -16.72 -4.93 20.69
C ALA A 455 -17.96 -5.77 21.07
N PHE A 456 -17.78 -6.86 21.82
CA PHE A 456 -18.88 -7.75 22.28
C PHE A 456 -19.87 -6.90 23.11
N LEU A 457 -19.36 -6.05 24.01
CA LEU A 457 -20.21 -5.26 24.93
C LEU A 457 -20.95 -4.17 24.17
N VAL A 458 -20.31 -3.55 23.18
CA VAL A 458 -20.94 -2.47 22.38
C VAL A 458 -21.97 -3.11 21.41
N ALA A 459 -21.67 -4.30 20.89
CA ALA A 459 -22.64 -5.10 20.10
C ALA A 459 -23.93 -5.30 20.94
N GLU A 460 -23.83 -5.66 22.21
CA GLU A 460 -25.02 -5.80 23.11
C GLU A 460 -25.72 -4.44 23.24
N MET A 461 -24.98 -3.34 23.39
CA MET A 461 -25.56 -1.98 23.49
C MET A 461 -26.35 -1.65 22.22
N LEU A 462 -25.88 -2.09 21.06
CA LEU A 462 -26.50 -1.76 19.73
C LEU A 462 -27.79 -2.60 19.54
N ARG A 463 -27.89 -3.69 20.28
CA ARG A 463 -28.95 -4.73 20.22
C ARG A 463 -30.08 -4.41 21.20
N ASP A 464 -29.75 -3.77 22.33
CA ASP A 464 -30.62 -3.66 23.54
C ASP A 464 -31.86 -2.83 23.21
N GLY B 1 20.10 14.57 9.77
CA GLY B 1 18.92 15.43 9.95
C GLY B 1 18.75 16.40 8.80
N ALA B 2 17.77 17.28 8.89
CA ALA B 2 17.39 18.21 7.82
C ALA B 2 18.63 19.00 7.33
N MET B 3 19.48 19.47 8.25
CA MET B 3 20.63 20.37 7.93
C MET B 3 21.70 19.59 7.17
N ASN B 4 21.66 18.26 7.24
CA ASN B 4 22.59 17.34 6.49
C ASN B 4 21.87 16.73 5.28
N TRP B 5 20.59 17.07 5.08
CA TRP B 5 19.71 16.45 4.06
C TRP B 5 19.75 14.92 4.21
N THR B 6 19.69 14.42 5.45
CA THR B 6 19.68 12.97 5.77
C THR B 6 18.58 12.63 6.75
N VAL B 7 18.00 11.45 6.60
CA VAL B 7 17.18 10.80 7.65
C VAL B 7 18.11 9.90 8.45
N ASP B 8 18.13 10.04 9.77
CA ASP B 8 19.00 9.24 10.68
C ASP B 8 18.19 8.09 11.21
N ILE B 9 18.69 6.86 11.07
CA ILE B 9 17.99 5.64 11.56
C ILE B 9 18.93 4.90 12.50
N PRO B 10 18.52 4.71 13.77
CA PRO B 10 19.25 3.85 14.69
C PRO B 10 19.09 2.38 14.25
N ILE B 11 20.20 1.62 14.24
CA ILE B 11 20.25 0.19 13.80
C ILE B 11 20.03 -0.71 15.02
N ASP B 12 20.68 -0.38 16.14
CA ASP B 12 20.35 -0.94 17.48
C ASP B 12 18.86 -0.63 17.77
N PRO B 18 13.54 -13.87 14.68
CA PRO B 18 13.49 -15.34 14.77
C PRO B 18 14.18 -16.06 13.61
N PRO B 19 14.95 -17.13 13.90
CA PRO B 19 15.90 -17.67 12.92
C PRO B 19 15.18 -18.42 11.80
N LEU B 20 15.76 -18.47 10.61
CA LEU B 20 15.23 -19.30 9.50
C LEU B 20 15.26 -20.77 9.91
N PRO B 21 14.35 -21.61 9.39
CA PRO B 21 14.52 -23.05 9.48
C PRO B 21 15.95 -23.41 9.06
N THR B 22 16.59 -24.34 9.78
CA THR B 22 18.01 -24.76 9.56
C THR B 22 18.29 -24.96 8.07
N ASP B 23 17.47 -25.73 7.35
CA ASP B 23 17.75 -26.07 5.93
C ASP B 23 17.67 -24.80 5.05
N LEU B 24 16.78 -23.85 5.36
CA LEU B 24 16.66 -22.63 4.50
C LEU B 24 17.87 -21.73 4.74
N ARG B 25 18.39 -21.68 5.97
CA ARG B 25 19.63 -20.93 6.29
C ARG B 25 20.80 -21.57 5.51
N THR B 26 20.90 -22.90 5.53
CA THR B 26 21.98 -23.62 4.84
C THR B 26 21.92 -23.24 3.35
N ARG B 27 20.75 -23.35 2.74
CA ARG B 27 20.60 -23.15 1.28
C ARG B 27 20.80 -21.69 0.90
N LEU B 28 20.28 -20.76 1.67
CA LEU B 28 20.49 -19.31 1.38
C LEU B 28 21.97 -18.98 1.49
N ASP B 29 22.65 -19.46 2.54
CA ASP B 29 24.11 -19.19 2.73
C ASP B 29 24.87 -19.77 1.52
N ALA B 30 24.56 -20.99 1.09
CA ALA B 30 25.25 -21.67 -0.02
C ALA B 30 25.02 -20.90 -1.32
N ALA B 31 23.81 -20.35 -1.55
CA ALA B 31 23.51 -19.56 -2.77
C ALA B 31 24.34 -18.30 -2.77
N LEU B 32 24.40 -17.58 -1.63
CA LEU B 32 25.08 -16.26 -1.53
C LEU B 32 26.62 -16.43 -1.53
N ALA B 33 27.16 -17.63 -1.26
CA ALA B 33 28.62 -17.89 -1.24
C ALA B 33 29.11 -18.15 -2.67
N LYS B 34 28.18 -18.41 -3.61
CA LYS B 34 28.56 -18.62 -5.02
C LYS B 34 29.01 -17.29 -5.60
N PRO B 35 29.80 -17.31 -6.67
CA PRO B 35 30.20 -16.09 -7.35
C PRO B 35 28.96 -15.33 -7.87
N ALA B 36 28.95 -14.01 -7.69
CA ALA B 36 27.87 -13.09 -8.15
C ALA B 36 28.48 -12.06 -9.08
N ALA B 37 27.98 -11.96 -10.31
CA ALA B 37 28.40 -10.93 -11.27
C ALA B 37 27.61 -9.64 -11.01
N GLN B 38 28.16 -8.49 -11.44
CA GLN B 38 27.46 -7.18 -11.56
C GLN B 38 27.00 -6.66 -10.19
N GLN B 39 27.65 -7.02 -9.09
CA GLN B 39 27.26 -6.54 -7.74
C GLN B 39 27.88 -5.15 -7.49
N PRO B 40 27.22 -4.28 -6.72
CA PRO B 40 27.85 -3.04 -6.26
C PRO B 40 29.15 -3.28 -5.49
N THR B 41 30.06 -2.31 -5.50
CA THR B 41 31.39 -2.45 -4.86
C THR B 41 31.45 -1.77 -3.50
N TRP B 42 30.35 -1.63 -2.78
CA TRP B 42 30.34 -0.93 -1.47
C TRP B 42 30.80 -1.88 -0.38
N PRO B 43 31.25 -1.37 0.78
CA PRO B 43 31.77 -2.23 1.85
C PRO B 43 30.70 -3.13 2.47
N ALA B 44 31.09 -4.34 2.83
CA ALA B 44 30.21 -5.37 3.44
C ALA B 44 29.59 -4.82 4.73
N ASP B 45 30.36 -4.10 5.53
CA ASP B 45 29.87 -3.60 6.85
C ASP B 45 28.75 -2.58 6.63
N GLN B 46 28.90 -1.73 5.63
CA GLN B 46 27.89 -0.67 5.32
C GLN B 46 26.64 -1.35 4.75
N ALA B 47 26.82 -2.32 3.89
CA ALA B 47 25.72 -3.15 3.31
C ALA B 47 24.96 -3.87 4.42
N LEU B 48 25.65 -4.51 5.36
CA LEU B 48 25.01 -5.21 6.50
C LEU B 48 24.13 -4.23 7.29
N ALA B 49 24.57 -3.01 7.56
CA ALA B 49 23.79 -2.00 8.32
C ALA B 49 22.48 -1.72 7.55
N MET B 50 22.56 -1.49 6.25
CA MET B 50 21.39 -1.12 5.40
C MET B 50 20.45 -2.34 5.31
N ARG B 51 21.00 -3.56 5.17
CA ARG B 51 20.16 -4.77 5.20
C ARG B 51 19.42 -4.88 6.54
N THR B 52 20.05 -4.52 7.66
CA THR B 52 19.43 -4.59 8.99
C THR B 52 18.21 -3.67 9.06
N VAL B 53 18.27 -2.49 8.45
CA VAL B 53 17.08 -1.58 8.35
C VAL B 53 15.95 -2.32 7.62
N LEU B 54 16.25 -2.90 6.48
CA LEU B 54 15.25 -3.52 5.58
C LEU B 54 14.68 -4.82 6.17
N GLU B 55 15.35 -5.44 7.15
CA GLU B 55 14.93 -6.75 7.71
C GLU B 55 13.55 -6.65 8.35
N SER B 56 13.20 -5.48 8.89
CA SER B 56 11.98 -5.29 9.72
C SER B 56 10.91 -4.42 9.02
N VAL B 57 11.20 -3.84 7.84
CA VAL B 57 10.22 -2.94 7.17
C VAL B 57 9.02 -3.76 6.66
N PRO B 58 7.84 -3.13 6.50
CA PRO B 58 6.72 -3.75 5.80
C PRO B 58 7.13 -4.15 4.41
N PRO B 59 6.72 -5.36 3.97
CA PRO B 59 7.11 -5.87 2.66
C PRO B 59 6.40 -5.05 1.56
N VAL B 60 6.93 -5.11 0.36
CA VAL B 60 6.29 -4.48 -0.81
C VAL B 60 5.08 -5.34 -1.24
N THR B 61 5.23 -6.66 -1.13
CA THR B 61 4.21 -7.66 -1.55
C THR B 61 4.01 -8.64 -0.40
N VAL B 62 3.00 -9.49 -0.48
CA VAL B 62 2.73 -10.53 0.55
C VAL B 62 2.56 -11.88 -0.14
N PRO B 63 2.83 -13.00 0.58
CA PRO B 63 2.89 -14.32 -0.05
C PRO B 63 1.62 -14.74 -0.78
N SER B 64 0.45 -14.34 -0.31
CA SER B 64 -0.86 -14.76 -0.90
C SER B 64 -1.00 -14.21 -2.33
N GLU B 65 -0.38 -13.08 -2.61
CA GLU B 65 -0.40 -12.44 -3.95
C GLU B 65 0.51 -13.21 -4.89
N ILE B 66 1.63 -13.72 -4.35
CA ILE B 66 2.66 -14.44 -5.15
C ILE B 66 2.06 -15.81 -5.46
N VAL B 67 1.36 -16.43 -4.50
CA VAL B 67 0.67 -17.72 -4.74
C VAL B 67 -0.40 -17.52 -5.83
N ARG B 68 -1.18 -16.44 -5.76
CA ARG B 68 -2.22 -16.13 -6.77
C ARG B 68 -1.56 -15.85 -8.14
N LEU B 69 -0.47 -15.10 -8.18
CA LEU B 69 0.23 -14.87 -9.47
C LEU B 69 0.66 -16.21 -10.07
N GLN B 70 1.21 -17.10 -9.26
CA GLN B 70 1.71 -18.42 -9.73
C GLN B 70 0.56 -19.20 -10.39
N GLU B 71 -0.64 -19.16 -9.79
CA GLU B 71 -1.87 -19.80 -10.35
C GLU B 71 -2.22 -19.18 -11.71
N GLN B 72 -2.10 -17.86 -11.86
CA GLN B 72 -2.45 -17.15 -13.11
C GLN B 72 -1.38 -17.42 -14.16
N LEU B 73 -0.12 -17.52 -13.74
CA LEU B 73 0.99 -17.85 -14.68
C LEU B 73 0.84 -19.30 -15.13
N ALA B 74 0.38 -20.21 -14.28
CA ALA B 74 0.16 -21.63 -14.64
C ALA B 74 -0.78 -21.66 -15.85
N GLN B 75 -1.84 -20.87 -15.82
CA GLN B 75 -2.81 -20.69 -16.92
C GLN B 75 -2.12 -20.21 -18.18
N VAL B 76 -1.20 -19.25 -18.07
CA VAL B 76 -0.38 -18.82 -19.24
C VAL B 76 0.39 -20.03 -19.78
N ALA B 77 1.10 -20.75 -18.92
CA ALA B 77 1.98 -21.87 -19.33
C ALA B 77 1.14 -22.91 -20.12
N LYS B 78 -0.12 -23.07 -19.74
CA LYS B 78 -1.04 -24.11 -20.29
C LYS B 78 -1.72 -23.60 -21.56
N GLY B 79 -1.42 -22.36 -21.97
CA GLY B 79 -1.93 -21.74 -23.21
C GLY B 79 -3.33 -21.17 -23.05
N GLU B 80 -3.74 -20.85 -21.81
CA GLU B 80 -5.13 -20.37 -21.53
C GLU B 80 -5.14 -18.93 -21.03
N ALA B 81 -3.97 -18.27 -21.00
CA ALA B 81 -3.83 -16.84 -20.67
C ALA B 81 -2.58 -16.32 -21.36
N PHE B 82 -2.41 -15.01 -21.40
CA PHE B 82 -1.26 -14.34 -22.04
C PHE B 82 -0.61 -13.43 -21.01
N LEU B 83 0.71 -13.38 -20.97
CA LEU B 83 1.46 -12.50 -20.03
C LEU B 83 1.88 -11.19 -20.70
N LEU B 84 1.47 -10.06 -20.13
CA LEU B 84 1.98 -8.74 -20.52
C LEU B 84 2.86 -8.23 -19.39
N GLN B 85 4.11 -8.02 -19.68
CA GLN B 85 5.09 -7.46 -18.73
C GLN B 85 5.71 -6.21 -19.36
N GLY B 86 5.60 -5.08 -18.67
CA GLY B 86 6.10 -3.83 -19.21
C GLY B 86 6.21 -2.74 -18.17
N GLY B 87 6.94 -1.70 -18.56
CA GLY B 87 7.13 -0.49 -17.75
C GLY B 87 8.43 0.16 -18.10
N ASP B 88 8.89 1.05 -17.23
CA ASP B 88 10.15 1.77 -17.43
C ASP B 88 11.29 0.78 -17.61
N CYS B 89 12.21 1.09 -18.52
CA CYS B 89 13.50 0.40 -18.66
C CYS B 89 14.22 0.45 -17.32
N ALA B 90 14.26 1.64 -16.71
CA ALA B 90 14.84 1.88 -15.37
C ALA B 90 13.95 2.89 -14.66
N GLU B 91 13.35 2.50 -13.55
CA GLU B 91 12.67 3.47 -12.67
C GLU B 91 13.76 4.38 -12.10
N THR B 92 13.44 5.63 -11.83
CA THR B 92 14.36 6.59 -11.17
C THR B 92 13.61 7.21 -10.01
N PHE B 93 14.31 7.61 -8.97
CA PHE B 93 13.69 8.33 -7.84
C PHE B 93 13.04 9.60 -8.35
N MET B 94 13.68 10.29 -9.31
CA MET B 94 13.23 11.64 -9.74
C MET B 94 11.91 11.55 -10.48
N ASP B 95 11.62 10.42 -11.14
CA ASP B 95 10.36 10.22 -11.88
C ASP B 95 9.35 9.35 -11.11
N ASN B 96 9.61 9.04 -9.83
CA ASN B 96 8.75 8.16 -9.02
C ASN B 96 7.62 9.03 -8.44
N THR B 97 6.75 9.52 -9.31
CA THR B 97 5.72 10.56 -9.02
C THR B 97 4.37 9.99 -9.40
N GLU B 98 3.32 10.57 -8.91
CA GLU B 98 1.94 10.11 -9.23
C GLU B 98 1.67 10.22 -10.73
N PRO B 99 1.99 11.31 -11.42
CA PRO B 99 1.68 11.39 -12.84
C PRO B 99 2.42 10.33 -13.65
N HIS B 100 3.67 10.06 -13.31
CA HIS B 100 4.45 9.06 -14.06
C HIS B 100 3.86 7.66 -13.81
N ILE B 101 3.62 7.31 -12.57
CA ILE B 101 3.06 5.98 -12.20
C ILE B 101 1.67 5.81 -12.84
N ARG B 102 0.81 6.82 -12.75
CA ARG B 102 -0.54 6.84 -13.38
C ARG B 102 -0.41 6.55 -14.88
N GLY B 103 0.56 7.18 -15.57
CA GLY B 103 0.78 7.02 -17.01
C GLY B 103 1.18 5.59 -17.35
N ASN B 104 2.09 5.02 -16.57
CA ASN B 104 2.53 3.61 -16.74
C ASN B 104 1.38 2.62 -16.47
N VAL B 105 0.57 2.86 -15.44
CA VAL B 105 -0.60 2.01 -15.08
C VAL B 105 -1.64 2.07 -16.21
N ARG B 106 -1.94 3.26 -16.73
CA ARG B 106 -2.89 3.46 -17.85
C ARG B 106 -2.39 2.68 -19.08
N ALA B 107 -1.12 2.83 -19.43
CA ALA B 107 -0.54 2.22 -20.64
C ALA B 107 -0.68 0.68 -20.56
N LEU B 108 -0.40 0.09 -19.41
CA LEU B 108 -0.47 -1.37 -19.19
C LEU B 108 -1.95 -1.80 -19.31
N LEU B 109 -2.86 -1.10 -18.64
CA LEU B 109 -4.30 -1.41 -18.67
C LEU B 109 -4.82 -1.36 -20.12
N GLN B 110 -4.40 -0.34 -20.86
CA GLN B 110 -4.83 -0.10 -22.25
C GLN B 110 -4.29 -1.22 -23.15
N MET B 111 -3.01 -1.56 -23.01
CA MET B 111 -2.36 -2.59 -23.81
C MET B 111 -3.03 -3.92 -23.48
N ALA B 112 -3.36 -4.14 -22.20
CA ALA B 112 -3.94 -5.42 -21.74
C ALA B 112 -5.32 -5.62 -22.35
N VAL B 113 -6.13 -4.56 -22.50
CA VAL B 113 -7.51 -4.76 -23.02
C VAL B 113 -7.42 -5.09 -24.49
N VAL B 114 -6.51 -4.45 -25.22
CA VAL B 114 -6.30 -4.73 -26.67
C VAL B 114 -5.84 -6.19 -26.82
N LEU B 115 -4.88 -6.63 -26.02
CA LEU B 115 -4.32 -7.99 -26.09
C LEU B 115 -5.36 -9.00 -25.70
N THR B 116 -6.22 -8.68 -24.73
CA THR B 116 -7.29 -9.59 -24.26
C THR B 116 -8.24 -9.83 -25.44
N TYR B 117 -8.65 -8.77 -26.11
CA TYR B 117 -9.55 -8.84 -27.26
C TYR B 117 -8.91 -9.68 -28.36
N GLY B 118 -7.64 -9.43 -28.67
CA GLY B 118 -6.94 -10.15 -29.74
C GLY B 118 -6.74 -11.61 -29.40
N ALA B 119 -6.38 -11.93 -28.17
CA ALA B 119 -6.04 -13.30 -27.73
C ALA B 119 -7.31 -14.11 -27.45
N SER B 120 -8.45 -13.45 -27.12
CA SER B 120 -9.66 -14.14 -26.62
C SER B 120 -9.30 -14.97 -25.38
N MET B 121 -8.44 -14.45 -24.54
CA MET B 121 -8.11 -15.08 -23.25
C MET B 121 -7.60 -14.02 -22.30
N PRO B 122 -7.58 -14.30 -20.99
CA PRO B 122 -7.14 -13.31 -20.02
C PRO B 122 -5.67 -12.93 -20.23
N VAL B 123 -5.35 -11.74 -19.78
CA VAL B 123 -3.98 -11.17 -19.83
C VAL B 123 -3.55 -10.91 -18.41
N VAL B 124 -2.41 -11.50 -18.03
CA VAL B 124 -1.82 -11.26 -16.72
C VAL B 124 -0.92 -10.04 -16.87
N LYS B 125 -1.16 -9.02 -16.05
CA LYS B 125 -0.45 -7.71 -16.10
C LYS B 125 0.64 -7.70 -15.05
N VAL B 126 1.88 -7.62 -15.50
CA VAL B 126 3.06 -7.49 -14.60
C VAL B 126 3.85 -6.26 -15.02
N ALA B 127 3.91 -5.28 -14.15
CA ALA B 127 4.62 -4.00 -14.30
C ALA B 127 6.09 -4.17 -13.94
N ARG B 128 6.97 -3.52 -14.68
CA ARG B 128 8.34 -3.24 -14.22
C ARG B 128 8.22 -1.98 -13.36
N ILE B 129 8.08 -2.16 -12.08
CA ILE B 129 7.74 -1.06 -11.16
C ILE B 129 8.05 -1.51 -9.76
N ALA B 130 8.12 -0.54 -8.85
CA ALA B 130 8.31 -0.75 -7.41
C ALA B 130 9.59 -1.55 -7.18
N GLY B 131 10.66 -1.29 -7.94
CA GLY B 131 11.98 -1.85 -7.63
C GLY B 131 12.89 -2.07 -8.81
N GLN B 132 12.56 -1.51 -9.97
CA GLN B 132 13.42 -1.66 -11.20
C GLN B 132 14.46 -0.54 -11.17
N TYR B 133 15.37 -0.62 -10.21
CA TYR B 133 16.28 0.48 -9.82
C TYR B 133 17.73 0.06 -10.03
N ALA B 134 17.98 -1.10 -10.64
CA ALA B 134 19.36 -1.62 -10.82
C ALA B 134 19.52 -2.21 -12.21
N LYS B 135 20.64 -1.90 -12.84
CA LYS B 135 20.99 -2.50 -14.13
C LYS B 135 22.43 -2.96 -14.15
N PRO B 136 22.72 -4.03 -14.91
CA PRO B 136 24.08 -4.46 -15.16
C PRO B 136 24.69 -3.52 -16.20
N ARG B 137 26.00 -3.57 -16.37
CA ARG B 137 26.69 -2.75 -17.40
C ARG B 137 27.80 -3.62 -18.00
N SER B 138 27.97 -3.56 -19.31
CA SER B 138 29.08 -4.25 -20.02
C SER B 138 30.41 -3.71 -19.52
N ALA B 139 30.52 -2.38 -19.41
CA ALA B 139 31.77 -1.64 -19.12
C ALA B 139 31.62 -0.88 -17.80
N ASP B 140 32.62 -0.98 -16.90
CA ASP B 140 32.59 -0.25 -15.61
C ASP B 140 32.93 1.21 -15.83
N ILE B 141 33.54 1.57 -16.96
CA ILE B 141 33.79 2.99 -17.32
C ILE B 141 33.02 3.34 -18.60
N ASP B 142 32.22 4.38 -18.52
CA ASP B 142 31.27 4.82 -19.57
C ASP B 142 32.01 5.75 -20.54
N ALA B 143 31.30 6.32 -21.50
CA ALA B 143 31.89 7.05 -22.66
C ALA B 143 32.47 8.40 -22.21
N LEU B 144 31.99 8.94 -21.08
CA LEU B 144 32.52 10.20 -20.47
C LEU B 144 33.74 9.91 -19.60
N GLY B 145 34.08 8.65 -19.38
CA GLY B 145 35.22 8.27 -18.53
C GLY B 145 34.83 8.16 -17.07
N LEU B 146 33.52 8.14 -16.77
CA LEU B 146 32.97 7.97 -15.40
C LEU B 146 32.66 6.49 -15.12
N ARG B 147 32.73 6.09 -13.86
CA ARG B 147 32.16 4.79 -13.44
C ARG B 147 30.71 4.76 -13.88
N SER B 148 30.29 3.66 -14.52
CA SER B 148 28.97 3.53 -15.18
C SER B 148 27.84 3.76 -14.16
N TYR B 149 26.80 4.44 -14.59
CA TYR B 149 25.53 4.53 -13.84
C TYR B 149 24.90 3.14 -13.86
N ARG B 150 24.55 2.60 -12.71
CA ARG B 150 24.00 1.23 -12.58
C ARG B 150 22.57 1.28 -12.00
N GLY B 151 21.89 2.42 -12.07
CA GLY B 151 20.54 2.57 -11.50
C GLY B 151 20.57 3.20 -10.14
N ASP B 152 19.46 3.84 -9.73
CA ASP B 152 19.35 4.60 -8.46
C ASP B 152 19.55 3.72 -7.21
N MET B 153 19.43 2.41 -7.30
CA MET B 153 19.68 1.54 -6.12
C MET B 153 21.19 1.46 -5.85
N ILE B 154 22.05 1.90 -6.79
CA ILE B 154 23.54 1.73 -6.71
C ILE B 154 24.25 3.10 -6.68
N ASN B 155 23.96 3.97 -7.62
CA ASN B 155 24.65 5.28 -7.79
C ASN B 155 23.72 6.25 -8.51
N GLY B 156 24.24 7.43 -8.82
CA GLY B 156 23.49 8.55 -9.39
C GLY B 156 23.77 8.67 -10.86
N PHE B 157 22.79 9.18 -11.60
CA PHE B 157 22.86 9.40 -13.06
C PHE B 157 23.75 10.61 -13.36
N ALA B 158 23.85 11.59 -12.44
CA ALA B 158 24.63 12.84 -12.63
C ALA B 158 26.01 12.49 -13.17
N PRO B 159 26.49 13.16 -14.25
CA PRO B 159 27.82 12.88 -14.78
C PRO B 159 28.95 13.53 -13.95
N ASP B 160 29.14 13.09 -12.70
CA ASP B 160 30.30 13.47 -11.86
C ASP B 160 30.71 12.27 -11.02
N ALA B 161 32.01 12.16 -10.75
CA ALA B 161 32.61 10.97 -10.14
C ALA B 161 31.97 10.75 -8.76
N ALA B 162 31.73 11.81 -7.98
CA ALA B 162 31.14 11.68 -6.63
C ALA B 162 29.77 10.97 -6.71
N ALA B 163 28.91 11.38 -7.66
CA ALA B 163 27.54 10.83 -7.83
C ALA B 163 27.59 9.34 -8.23
N ARG B 164 28.67 8.90 -8.90
CA ARG B 164 28.82 7.55 -9.47
C ARG B 164 29.43 6.61 -8.44
N GLU B 165 29.92 7.12 -7.30
CA GLU B 165 30.36 6.24 -6.18
C GLU B 165 29.17 5.35 -5.77
N HIS B 166 29.41 4.07 -5.52
CA HIS B 166 28.37 3.11 -5.09
C HIS B 166 27.97 3.44 -3.64
N ASP B 167 26.70 3.62 -3.38
CA ASP B 167 26.18 4.19 -2.11
C ASP B 167 25.11 3.27 -1.55
N PRO B 168 25.43 2.54 -0.47
CA PRO B 168 24.55 1.49 0.03
C PRO B 168 23.28 2.03 0.70
N SER B 169 23.27 3.32 1.02
CA SER B 169 22.08 4.03 1.52
C SER B 169 21.00 3.98 0.44
N ARG B 170 21.39 3.73 -0.82
CA ARG B 170 20.45 3.64 -1.95
C ARG B 170 19.63 2.34 -1.83
N LEU B 171 20.05 1.35 -1.05
CA LEU B 171 19.19 0.16 -0.76
C LEU B 171 17.90 0.62 -0.06
N VAL B 172 18.03 1.54 0.91
CA VAL B 172 16.90 1.98 1.74
C VAL B 172 16.05 2.97 0.93
N ARG B 173 16.69 3.93 0.25
CA ARG B 173 15.99 4.86 -0.64
C ARG B 173 15.20 4.05 -1.67
N ALA B 174 15.78 3.00 -2.27
CA ALA B 174 15.09 2.14 -3.28
C ALA B 174 13.82 1.51 -2.66
N TYR B 175 13.93 0.91 -1.48
CA TYR B 175 12.76 0.35 -0.75
C TYR B 175 11.68 1.41 -0.52
N ALA B 176 12.04 2.61 -0.01
CA ALA B 176 11.07 3.71 0.28
C ALA B 176 10.33 4.09 -1.01
N ASN B 177 11.07 4.19 -2.11
CA ASN B 177 10.55 4.55 -3.44
C ASN B 177 9.68 3.40 -3.97
N ALA B 178 10.12 2.14 -3.82
CA ALA B 178 9.32 0.93 -4.18
C ALA B 178 7.98 0.88 -3.39
N SER B 179 8.02 1.00 -2.06
N SER B 179 8.00 1.00 -2.07
CA SER B 179 6.84 0.96 -1.17
CA SER B 179 6.77 0.89 -1.25
C SER B 179 5.82 2.04 -1.58
C SER B 179 5.81 2.03 -1.61
N ALA B 180 6.31 3.25 -1.84
CA ALA B 180 5.46 4.41 -2.22
C ALA B 180 4.81 4.15 -3.58
N ALA B 181 5.56 3.62 -4.55
CA ALA B 181 5.03 3.28 -5.87
C ALA B 181 3.99 2.18 -5.70
N MET B 182 4.26 1.13 -4.90
CA MET B 182 3.34 -0.04 -4.83
C MET B 182 2.04 0.41 -4.17
N ASN B 183 2.13 1.24 -3.14
CA ASN B 183 0.94 1.80 -2.47
C ASN B 183 0.03 2.47 -3.51
N LEU B 184 0.58 3.33 -4.33
CA LEU B 184 -0.18 4.03 -5.38
C LEU B 184 -0.70 3.02 -6.45
N VAL B 185 0.08 2.00 -6.85
CA VAL B 185 -0.39 1.01 -7.87
C VAL B 185 -1.63 0.28 -7.35
N ARG B 186 -1.63 -0.12 -6.07
CA ARG B 186 -2.76 -0.77 -5.34
C ARG B 186 -3.97 0.19 -5.32
N ALA B 187 -3.78 1.45 -4.97
CA ALA B 187 -4.84 2.50 -4.94
C ALA B 187 -5.41 2.69 -6.37
N LEU B 188 -4.56 2.83 -7.38
CA LEU B 188 -5.04 3.11 -8.74
C LEU B 188 -5.79 1.89 -9.30
N THR B 189 -5.41 0.67 -8.97
CA THR B 189 -6.03 -0.53 -9.61
C THR B 189 -7.39 -0.79 -8.96
N SER B 190 -7.68 -0.18 -7.80
CA SER B 190 -9.03 -0.20 -7.19
C SER B 190 -9.79 1.11 -7.42
N SER B 191 -9.25 2.02 -8.22
CA SER B 191 -9.83 3.36 -8.48
C SER B 191 -10.59 3.35 -9.80
N PRO B 192 -11.29 4.44 -10.14
CA PRO B 192 -11.95 4.57 -11.44
C PRO B 192 -11.03 4.48 -12.65
N LEU B 193 -9.71 4.67 -12.48
CA LEU B 193 -8.73 4.49 -13.57
C LEU B 193 -8.83 3.07 -14.15
N ALA B 194 -9.18 2.07 -13.31
CA ALA B 194 -9.20 0.65 -13.72
C ALA B 194 -10.51 0.27 -14.40
N SER B 195 -11.46 1.18 -14.62
CA SER B 195 -12.75 0.84 -15.26
C SER B 195 -12.56 0.66 -16.78
N LEU B 196 -13.09 -0.42 -17.34
CA LEU B 196 -13.02 -0.73 -18.79
C LEU B 196 -13.66 0.38 -19.63
N HIS B 197 -14.59 1.14 -19.05
CA HIS B 197 -15.31 2.25 -19.71
C HIS B 197 -14.30 3.26 -20.29
N LEU B 198 -13.14 3.44 -19.65
CA LEU B 198 -12.16 4.50 -20.06
C LEU B 198 -11.46 4.13 -21.38
N VAL B 199 -11.51 2.86 -21.78
CA VAL B 199 -10.74 2.35 -22.96
C VAL B 199 -11.23 3.01 -24.25
N HIS B 200 -12.53 3.28 -24.35
N HIS B 200 -12.52 3.31 -24.35
CA HIS B 200 -13.13 3.95 -25.54
CA HIS B 200 -13.09 3.94 -25.57
C HIS B 200 -12.33 5.23 -25.84
C HIS B 200 -12.32 5.23 -25.84
N ASP B 201 -12.23 6.12 -24.86
CA ASP B 201 -11.58 7.45 -25.04
C ASP B 201 -10.08 7.29 -25.26
N TRP B 202 -9.45 6.35 -24.55
CA TRP B 202 -7.99 6.07 -24.67
C TRP B 202 -7.67 5.63 -26.10
N ASN B 203 -8.43 4.69 -26.63
CA ASN B 203 -8.21 4.12 -27.98
C ASN B 203 -8.57 5.17 -29.02
N ARG B 204 -9.66 5.92 -28.79
CA ARG B 204 -10.10 7.05 -29.66
C ARG B 204 -8.96 8.07 -29.78
N GLU B 205 -8.40 8.50 -28.65
CA GLU B 205 -7.25 9.44 -28.60
C GLU B 205 -6.08 8.83 -29.38
N PHE B 206 -5.76 7.55 -29.14
CA PHE B 206 -4.62 6.86 -29.81
C PHE B 206 -4.81 6.89 -31.33
N VAL B 207 -5.99 6.51 -31.80
CA VAL B 207 -6.31 6.42 -33.26
C VAL B 207 -6.25 7.81 -33.89
N ARG B 208 -6.68 8.85 -33.17
CA ARG B 208 -6.84 10.24 -33.70
C ARG B 208 -5.48 10.95 -33.74
N THR B 209 -4.58 10.65 -32.79
CA THR B 209 -3.31 11.41 -32.59
C THR B 209 -2.10 10.62 -33.14
N SER B 210 -2.29 9.36 -33.52
CA SER B 210 -1.21 8.49 -34.07
C SER B 210 -1.06 8.75 -35.56
N PRO B 211 0.19 8.82 -36.09
CA PRO B 211 0.42 8.93 -37.53
C PRO B 211 -0.24 7.78 -38.29
N ALA B 212 -0.04 6.54 -37.82
CA ALA B 212 -0.57 5.29 -38.42
C ALA B 212 -1.90 4.93 -37.74
N GLY B 213 -2.57 5.93 -37.16
CA GLY B 213 -3.85 5.75 -36.44
C GLY B 213 -4.87 5.02 -37.30
N ALA B 214 -5.12 5.53 -38.49
CA ALA B 214 -6.09 4.98 -39.47
C ALA B 214 -5.94 3.48 -39.60
N ARG B 215 -4.73 2.96 -39.40
CA ARG B 215 -4.40 1.52 -39.56
C ARG B 215 -5.07 0.70 -38.45
N TYR B 216 -5.35 1.30 -37.30
CA TYR B 216 -5.78 0.58 -36.07
C TYR B 216 -7.23 0.90 -35.75
N GLU B 217 -7.86 1.78 -36.53
CA GLU B 217 -9.24 2.26 -36.30
C GLU B 217 -10.21 1.06 -36.28
N ALA B 218 -10.04 0.09 -37.16
CA ALA B 218 -10.96 -1.06 -37.33
C ALA B 218 -10.92 -1.93 -36.05
N LEU B 219 -9.73 -2.25 -35.55
CA LEU B 219 -9.60 -3.08 -34.33
C LEU B 219 -10.08 -2.26 -33.12
N ALA B 220 -9.81 -0.96 -33.09
CA ALA B 220 -10.23 -0.10 -31.97
C ALA B 220 -11.78 -0.08 -31.92
N THR B 221 -12.44 -0.04 -33.09
CA THR B 221 -13.93 -0.02 -33.18
C THR B 221 -14.49 -1.37 -32.71
N GLU B 222 -13.88 -2.47 -33.13
CA GLU B 222 -14.25 -3.83 -32.68
C GLU B 222 -14.18 -3.90 -31.17
N ILE B 223 -13.08 -3.41 -30.57
CA ILE B 223 -12.92 -3.49 -29.10
C ILE B 223 -14.04 -2.69 -28.44
N ASP B 224 -14.31 -1.48 -28.95
CA ASP B 224 -15.40 -0.60 -28.47
C ASP B 224 -16.74 -1.35 -28.53
N ARG B 225 -17.04 -1.99 -29.66
CA ARG B 225 -18.30 -2.74 -29.87
C ARG B 225 -18.33 -3.94 -28.92
N GLY B 226 -17.19 -4.58 -28.68
CA GLY B 226 -17.06 -5.66 -27.68
C GLY B 226 -17.35 -5.18 -26.26
N LEU B 227 -16.79 -4.05 -25.86
CA LEU B 227 -17.00 -3.48 -24.51
C LEU B 227 -18.50 -3.16 -24.34
N ARG B 228 -19.11 -2.54 -25.36
N ARG B 228 -19.13 -2.53 -25.34
CA ARG B 228 -20.52 -2.09 -25.31
CA ARG B 228 -20.53 -2.08 -25.22
C ARG B 228 -21.44 -3.31 -25.21
C ARG B 228 -21.47 -3.31 -25.21
N PHE B 229 -21.11 -4.36 -25.94
CA PHE B 229 -21.83 -5.67 -25.92
C PHE B 229 -21.83 -6.24 -24.51
N MET B 230 -20.67 -6.24 -23.85
CA MET B 230 -20.54 -6.80 -22.48
C MET B 230 -21.48 -6.03 -21.55
N SER B 231 -21.44 -4.70 -21.62
CA SER B 231 -22.31 -3.78 -20.85
C SER B 231 -23.80 -4.04 -21.18
N ALA B 232 -24.14 -4.19 -22.45
CA ALA B 232 -25.51 -4.49 -22.95
C ALA B 232 -26.00 -5.84 -22.41
N CYS B 233 -25.08 -6.77 -22.14
CA CYS B 233 -25.44 -8.11 -21.59
C CYS B 233 -25.63 -8.01 -20.08
N GLY B 234 -25.37 -6.85 -19.48
CA GLY B 234 -25.68 -6.55 -18.06
C GLY B 234 -24.44 -6.56 -17.15
N VAL B 235 -23.25 -6.61 -17.75
CA VAL B 235 -21.96 -6.65 -17.00
C VAL B 235 -21.55 -5.19 -16.64
N ALA B 236 -21.57 -4.85 -15.36
CA ALA B 236 -21.06 -3.56 -14.81
C ALA B 236 -19.70 -3.79 -14.18
N ASP B 237 -18.92 -2.74 -13.93
CA ASP B 237 -17.59 -2.83 -13.28
C ASP B 237 -17.71 -3.66 -12.00
N ARG B 238 -18.78 -3.42 -11.23
CA ARG B 238 -19.08 -4.09 -9.93
C ARG B 238 -19.02 -5.62 -10.09
N ASN B 239 -19.20 -6.14 -11.32
CA ASN B 239 -19.34 -7.59 -11.58
C ASN B 239 -18.04 -8.18 -12.15
N LEU B 240 -16.98 -7.37 -12.27
CA LEU B 240 -15.69 -7.83 -12.87
C LEU B 240 -14.64 -7.93 -11.76
N GLN B 241 -13.67 -8.83 -11.92
CA GLN B 241 -12.44 -8.90 -11.09
C GLN B 241 -11.80 -7.50 -11.05
N THR B 242 -11.57 -6.95 -9.85
CA THR B 242 -10.75 -5.72 -9.66
C THR B 242 -9.41 -5.94 -10.39
N ALA B 243 -8.90 -4.93 -11.09
CA ALA B 243 -7.68 -5.01 -11.90
C ALA B 243 -6.49 -5.39 -10.99
N GLU B 244 -5.73 -6.37 -11.38
CA GLU B 244 -4.52 -6.80 -10.64
C GLU B 244 -3.30 -6.49 -11.48
N ILE B 245 -2.44 -5.60 -11.01
CA ILE B 245 -1.13 -5.34 -11.64
C ILE B 245 -0.08 -5.80 -10.65
N TYR B 246 0.73 -6.74 -11.08
CA TYR B 246 1.82 -7.31 -10.26
C TYR B 246 3.09 -6.50 -10.46
N ALA B 247 3.97 -6.60 -9.49
CA ALA B 247 5.23 -5.89 -9.44
C ALA B 247 6.35 -6.85 -9.80
N SER B 248 7.26 -6.39 -10.65
CA SER B 248 8.46 -7.16 -11.06
C SER B 248 9.65 -6.24 -11.20
N HIS B 249 10.82 -6.83 -11.16
CA HIS B 249 12.09 -6.18 -11.50
C HIS B 249 13.16 -7.24 -11.68
N GLU B 250 14.28 -6.90 -12.29
CA GLU B 250 15.42 -7.80 -12.38
C GLU B 250 16.02 -7.98 -10.98
N ALA B 251 16.11 -9.23 -10.50
CA ALA B 251 16.76 -9.58 -9.22
C ALA B 251 18.27 -9.48 -9.49
N LEU B 252 18.85 -8.31 -9.25
CA LEU B 252 20.25 -7.98 -9.62
C LEU B 252 21.07 -7.75 -8.35
N VAL B 253 20.59 -6.91 -7.44
CA VAL B 253 21.41 -6.49 -6.28
C VAL B 253 21.05 -7.44 -5.14
N LEU B 254 21.93 -8.41 -4.87
CA LEU B 254 21.65 -9.53 -3.93
C LEU B 254 21.51 -8.99 -2.52
N ASP B 255 22.20 -7.89 -2.17
CA ASP B 255 22.01 -7.20 -0.88
C ASP B 255 20.53 -6.83 -0.69
N TYR B 256 19.90 -6.25 -1.71
CA TYR B 256 18.50 -5.81 -1.62
C TYR B 256 17.57 -7.02 -1.53
N GLU B 257 17.66 -7.94 -2.50
CA GLU B 257 16.76 -9.14 -2.52
C GLU B 257 16.89 -9.96 -1.23
N ARG B 258 18.09 -10.23 -0.73
CA ARG B 258 18.22 -11.02 0.52
C ARG B 258 17.60 -10.26 1.72
N ALA B 259 17.68 -8.94 1.78
CA ALA B 259 17.13 -8.17 2.91
C ALA B 259 15.61 -8.25 2.87
N MET B 260 15.04 -8.42 1.68
CA MET B 260 13.56 -8.36 1.49
C MET B 260 12.98 -9.79 1.51
N LEU B 261 13.77 -10.81 1.88
CA LEU B 261 13.28 -12.19 2.06
C LEU B 261 12.41 -12.22 3.33
N ARG B 262 11.29 -12.93 3.27
CA ARG B 262 10.46 -13.20 4.45
C ARG B 262 10.04 -14.68 4.41
N LEU B 263 9.87 -15.26 5.56
CA LEU B 263 9.41 -16.66 5.72
C LEU B 263 7.86 -16.69 5.74
N SER B 264 7.26 -17.58 4.96
CA SER B 264 5.80 -17.91 4.98
C SER B 264 5.57 -19.39 4.71
N ASP B 265 4.50 -19.96 5.27
CA ASP B 265 3.99 -21.30 4.87
C ASP B 265 3.35 -21.20 3.48
N ASP B 268 1.72 -24.72 0.73
CA ASP B 268 1.92 -26.19 0.68
C ASP B 268 2.27 -26.72 2.07
N GLY B 269 1.93 -25.96 3.12
CA GLY B 269 2.10 -26.34 4.53
C GLY B 269 3.46 -25.93 5.10
N GLU B 270 4.54 -26.13 4.34
CA GLU B 270 5.94 -26.02 4.82
C GLU B 270 6.43 -24.57 4.68
N PRO B 271 7.17 -24.02 5.67
CA PRO B 271 7.71 -22.67 5.56
C PRO B 271 8.62 -22.57 4.32
N GLN B 272 8.49 -21.48 3.56
CA GLN B 272 9.35 -21.15 2.41
C GLN B 272 9.84 -19.70 2.54
N LEU B 273 10.91 -19.38 1.88
CA LEU B 273 11.38 -17.99 1.68
C LEU B 273 10.66 -17.41 0.47
N PHE B 274 10.02 -16.29 0.67
CA PHE B 274 9.51 -15.43 -0.43
C PHE B 274 10.34 -14.16 -0.47
N ASP B 275 10.68 -13.75 -1.67
CA ASP B 275 11.23 -12.40 -1.91
C ASP B 275 10.03 -11.45 -1.97
N LEU B 276 9.82 -10.65 -0.93
CA LEU B 276 8.64 -9.75 -0.86
C LEU B 276 9.05 -8.33 -1.27
N SER B 277 10.04 -8.22 -2.12
CA SER B 277 10.41 -6.94 -2.80
C SER B 277 9.60 -6.80 -4.08
N ALA B 278 8.92 -7.88 -4.48
CA ALA B 278 8.21 -7.98 -5.77
C ALA B 278 7.30 -9.21 -5.75
N HIS B 279 6.51 -9.39 -6.80
CA HIS B 279 5.72 -10.62 -7.01
C HIS B 279 6.55 -11.62 -7.77
N THR B 280 7.19 -11.16 -8.82
CA THR B 280 8.04 -11.96 -9.71
C THR B 280 9.31 -11.18 -10.03
N VAL B 281 10.41 -11.90 -10.23
CA VAL B 281 11.72 -11.31 -10.55
C VAL B 281 12.34 -12.15 -11.65
N TRP B 282 13.15 -11.54 -12.48
CA TRP B 282 13.91 -12.27 -13.53
C TRP B 282 15.40 -12.14 -13.28
N ILE B 283 16.13 -13.02 -13.93
CA ILE B 283 17.62 -13.05 -13.91
C ILE B 283 18.06 -12.65 -15.31
N GLY B 284 18.92 -11.66 -15.41
CA GLY B 284 19.36 -11.10 -16.69
C GLY B 284 20.47 -11.91 -17.37
N GLU B 285 20.77 -11.54 -18.60
CA GLU B 285 21.70 -12.25 -19.51
C GLU B 285 23.10 -12.22 -18.87
N ARG B 286 23.45 -11.15 -18.14
CA ARG B 286 24.84 -11.01 -17.61
C ARG B 286 24.99 -11.65 -16.23
N THR B 287 23.90 -12.15 -15.60
CA THR B 287 23.93 -12.68 -14.22
C THR B 287 23.35 -14.08 -14.11
N ARG B 288 23.03 -14.74 -15.21
CA ARG B 288 22.42 -16.12 -15.21
C ARG B 288 23.49 -17.23 -15.23
N GLN B 289 24.70 -16.98 -14.79
CA GLN B 289 25.73 -18.05 -14.65
C GLN B 289 25.11 -19.24 -13.95
N ILE B 290 25.17 -20.42 -14.57
CA ILE B 290 24.36 -21.59 -14.12
C ILE B 290 24.77 -21.98 -12.70
N ASP B 291 26.06 -21.84 -12.35
CA ASP B 291 26.60 -22.17 -11.01
C ASP B 291 26.82 -20.88 -10.19
N GLY B 292 26.14 -19.80 -10.57
CA GLY B 292 26.27 -18.47 -9.94
C GLY B 292 25.23 -18.21 -8.86
N ALA B 293 25.41 -17.12 -8.09
CA ALA B 293 24.57 -16.83 -6.90
C ALA B 293 23.12 -16.50 -7.32
N HIS B 294 22.93 -15.83 -8.44
CA HIS B 294 21.59 -15.37 -8.87
C HIS B 294 20.68 -16.57 -9.14
N ILE B 295 21.13 -17.50 -9.97
CA ILE B 295 20.36 -18.74 -10.26
C ILE B 295 20.15 -19.50 -8.96
N ALA B 296 21.17 -19.62 -8.10
CA ALA B 296 21.06 -20.31 -6.79
C ALA B 296 20.04 -19.59 -5.89
N PHE B 297 20.00 -18.26 -5.92
CA PHE B 297 19.06 -17.46 -5.10
C PHE B 297 17.63 -17.71 -5.61
N ALA B 298 17.42 -17.68 -6.91
CA ALA B 298 16.14 -18.00 -7.59
C ALA B 298 15.63 -19.39 -7.18
N GLN B 299 16.52 -20.36 -6.97
CA GLN B 299 16.17 -21.74 -6.54
C GLN B 299 15.66 -21.76 -5.10
N VAL B 300 16.06 -20.81 -4.27
CA VAL B 300 15.75 -20.81 -2.83
C VAL B 300 14.42 -20.06 -2.57
N ILE B 301 14.03 -19.12 -3.45
CA ILE B 301 12.78 -18.32 -3.25
C ILE B 301 11.57 -19.03 -3.91
N ALA B 302 10.39 -18.77 -3.36
CA ALA B 302 9.09 -19.38 -3.77
C ALA B 302 8.51 -18.61 -4.96
N ASN B 303 8.95 -17.39 -5.22
CA ASN B 303 8.37 -16.53 -6.29
C ASN B 303 8.46 -17.23 -7.66
N PRO B 304 7.49 -16.98 -8.55
CA PRO B 304 7.71 -17.22 -9.95
C PRO B 304 8.92 -16.43 -10.45
N VAL B 305 9.72 -17.03 -11.31
CA VAL B 305 10.94 -16.37 -11.81
C VAL B 305 11.01 -16.47 -13.30
N GLY B 306 11.79 -15.56 -13.87
CA GLY B 306 12.14 -15.54 -15.29
C GLY B 306 13.63 -15.64 -15.49
N VAL B 307 14.05 -16.18 -16.62
CA VAL B 307 15.48 -16.12 -17.08
C VAL B 307 15.52 -15.65 -18.50
N LYS B 308 16.34 -14.62 -18.74
CA LYS B 308 16.58 -14.06 -20.08
C LYS B 308 17.50 -15.00 -20.88
N LEU B 309 17.11 -15.34 -22.10
CA LEU B 309 17.92 -16.20 -23.02
C LEU B 309 18.29 -15.41 -24.26
N GLY B 310 19.59 -15.11 -24.40
CA GLY B 310 20.17 -14.44 -25.55
C GLY B 310 20.61 -15.40 -26.64
N PRO B 311 21.22 -14.87 -27.71
CA PRO B 311 21.56 -15.67 -28.88
C PRO B 311 22.59 -16.78 -28.67
N ASN B 312 23.35 -16.79 -27.58
CA ASN B 312 24.37 -17.86 -27.39
C ASN B 312 23.75 -19.01 -26.60
N MET B 313 22.46 -18.93 -26.24
CA MET B 313 21.74 -20.00 -25.50
C MET B 313 21.74 -21.27 -26.35
N THR B 314 22.06 -22.39 -25.73
CA THR B 314 21.93 -23.73 -26.33
C THR B 314 20.68 -24.38 -25.79
N PRO B 315 20.10 -25.34 -26.53
CA PRO B 315 19.00 -26.14 -26.00
C PRO B 315 19.35 -26.88 -24.70
N GLU B 316 20.54 -27.48 -24.62
CA GLU B 316 21.07 -28.20 -23.43
C GLU B 316 21.06 -27.27 -22.21
N LEU B 317 21.57 -26.04 -22.33
CA LEU B 317 21.63 -25.13 -21.16
C LEU B 317 20.21 -24.65 -20.82
N ALA B 318 19.36 -24.36 -21.79
CA ALA B 318 17.95 -23.99 -21.49
C ALA B 318 17.32 -25.12 -20.68
N VAL B 319 17.55 -26.39 -21.05
CA VAL B 319 17.01 -27.52 -20.27
C VAL B 319 17.57 -27.52 -18.84
N GLU B 320 18.87 -27.23 -18.64
CA GLU B 320 19.50 -27.20 -17.28
C GLU B 320 18.81 -26.12 -16.43
N TYR B 321 18.54 -24.93 -16.97
CA TYR B 321 17.81 -23.85 -16.26
C TYR B 321 16.46 -24.38 -15.80
N VAL B 322 15.73 -25.03 -16.71
CA VAL B 322 14.35 -25.51 -16.45
C VAL B 322 14.42 -26.55 -15.33
N GLU B 323 15.40 -27.46 -15.34
CA GLU B 323 15.46 -28.56 -14.36
C GLU B 323 15.90 -28.03 -12.99
N ARG B 324 16.76 -27.01 -12.94
CA ARG B 324 17.20 -26.38 -11.67
C ARG B 324 16.11 -25.47 -11.09
N LEU B 325 15.36 -24.78 -11.92
CA LEU B 325 14.45 -23.70 -11.44
C LEU B 325 13.00 -24.18 -11.39
N ASP B 326 12.66 -25.25 -12.09
CA ASP B 326 11.32 -25.86 -11.96
C ASP B 326 11.47 -27.34 -11.57
N PRO B 327 12.19 -27.64 -10.47
CA PRO B 327 12.49 -29.03 -10.13
C PRO B 327 11.23 -29.85 -9.81
N HIS B 328 10.16 -29.21 -9.34
CA HIS B 328 8.91 -29.89 -8.92
C HIS B 328 7.87 -29.92 -10.04
N ASN B 329 8.20 -29.46 -11.24
CA ASN B 329 7.25 -29.44 -12.39
C ASN B 329 5.97 -28.68 -11.96
N LYS B 330 6.10 -27.38 -11.73
CA LYS B 330 4.96 -26.50 -11.41
C LYS B 330 4.77 -25.52 -12.55
N PRO B 331 3.78 -25.74 -13.46
CA PRO B 331 3.56 -24.80 -14.56
C PRO B 331 3.47 -23.37 -14.02
N GLY B 332 4.12 -22.45 -14.74
CA GLY B 332 4.09 -21.02 -14.42
C GLY B 332 5.25 -20.62 -13.54
N ARG B 333 5.93 -21.56 -12.88
CA ARG B 333 7.00 -21.20 -11.91
C ARG B 333 8.13 -20.55 -12.68
N LEU B 334 8.41 -21.04 -13.91
CA LEU B 334 9.51 -20.54 -14.73
C LEU B 334 9.01 -19.93 -16.02
N THR B 335 9.56 -18.78 -16.35
CA THR B 335 9.38 -18.11 -17.63
C THR B 335 10.74 -18.06 -18.31
N LEU B 336 10.82 -18.57 -19.54
CA LEU B 336 12.01 -18.40 -20.40
C LEU B 336 11.78 -17.21 -21.33
N VAL B 337 12.60 -16.19 -21.21
CA VAL B 337 12.42 -14.91 -21.92
C VAL B 337 13.38 -14.88 -23.10
N SER B 338 12.88 -15.14 -24.31
CA SER B 338 13.63 -15.03 -25.60
C SER B 338 13.98 -13.57 -25.89
N ARG B 339 15.28 -13.26 -26.03
CA ARG B 339 15.76 -11.95 -26.56
C ARG B 339 16.90 -12.24 -27.57
N MET B 340 16.53 -12.53 -28.82
CA MET B 340 17.47 -13.12 -29.81
C MET B 340 17.88 -12.07 -30.86
N GLY B 341 17.04 -11.04 -31.09
CA GLY B 341 17.17 -10.11 -32.24
C GLY B 341 16.30 -10.58 -33.39
N ASN B 342 15.69 -9.67 -34.16
CA ASN B 342 14.66 -10.08 -35.14
C ASN B 342 15.29 -10.99 -36.22
N HIS B 343 16.57 -10.80 -36.55
CA HIS B 343 17.28 -11.57 -37.62
C HIS B 343 17.57 -13.01 -37.18
N LYS B 344 17.53 -13.31 -35.87
CA LYS B 344 18.02 -14.62 -35.34
C LYS B 344 16.91 -15.43 -34.64
N VAL B 345 15.82 -14.80 -34.16
CA VAL B 345 14.85 -15.53 -33.31
C VAL B 345 14.28 -16.75 -34.10
N ARG B 346 14.04 -16.61 -35.38
CA ARG B 346 13.40 -17.68 -36.20
C ARG B 346 14.33 -18.89 -36.33
N ASP B 347 15.64 -18.66 -36.31
CA ASP B 347 16.67 -19.74 -36.44
C ASP B 347 17.03 -20.31 -35.06
N LEU B 348 17.22 -19.44 -34.05
CA LEU B 348 17.82 -19.83 -32.76
C LEU B 348 16.78 -20.41 -31.79
N LEU B 349 15.53 -19.93 -31.81
CA LEU B 349 14.53 -20.31 -30.77
C LEU B 349 13.97 -21.71 -31.03
N PRO B 350 13.66 -22.16 -32.27
CA PRO B 350 13.05 -23.48 -32.41
C PRO B 350 13.75 -24.64 -31.70
N PRO B 351 15.08 -24.88 -31.85
CA PRO B 351 15.68 -26.04 -31.21
C PRO B 351 15.63 -25.92 -29.67
N ILE B 352 15.66 -24.70 -29.14
CA ILE B 352 15.52 -24.48 -27.66
C ILE B 352 14.12 -24.92 -27.19
N VAL B 353 13.07 -24.44 -27.85
CA VAL B 353 11.65 -24.78 -27.52
C VAL B 353 11.46 -26.31 -27.62
N GLU B 354 11.94 -26.96 -28.69
CA GLU B 354 11.79 -28.43 -28.87
C GLU B 354 12.42 -29.19 -27.70
N LYS B 355 13.66 -28.88 -27.31
CA LYS B 355 14.38 -29.63 -26.26
C LYS B 355 13.66 -29.45 -24.92
N VAL B 356 13.24 -28.24 -24.61
CA VAL B 356 12.56 -27.93 -23.31
C VAL B 356 11.18 -28.58 -23.28
N GLN B 357 10.40 -28.49 -24.37
CA GLN B 357 9.05 -29.11 -24.42
C GLN B 357 9.17 -30.62 -24.16
N ALA B 358 10.28 -31.24 -24.56
CA ALA B 358 10.48 -32.70 -24.50
C ALA B 358 10.68 -33.14 -23.06
N THR B 359 11.08 -32.23 -22.14
CA THR B 359 11.36 -32.58 -20.73
C THR B 359 10.05 -32.90 -19.98
N GLY B 360 8.91 -32.52 -20.55
CA GLY B 360 7.59 -32.54 -19.88
C GLY B 360 7.40 -31.39 -18.87
N HIS B 361 8.40 -30.52 -18.65
CA HIS B 361 8.20 -29.26 -17.88
C HIS B 361 7.40 -28.27 -18.74
N GLN B 362 6.55 -27.45 -18.11
CA GLN B 362 5.75 -26.43 -18.85
C GLN B 362 6.19 -25.03 -18.40
N VAL B 363 7.04 -24.39 -19.18
CA VAL B 363 7.50 -23.00 -18.94
C VAL B 363 6.53 -22.06 -19.63
N ILE B 364 6.52 -20.81 -19.24
CA ILE B 364 5.99 -19.73 -20.11
C ILE B 364 7.10 -19.36 -21.08
N TRP B 365 6.79 -19.35 -22.37
CA TRP B 365 7.62 -18.72 -23.42
C TRP B 365 7.22 -17.26 -23.54
N GLN B 366 8.13 -16.36 -23.22
CA GLN B 366 7.89 -14.92 -23.30
C GLN B 366 8.89 -14.30 -24.27
N CYS B 367 8.43 -13.35 -25.07
CA CYS B 367 9.26 -12.60 -26.03
C CYS B 367 9.67 -11.24 -25.45
N ASP B 368 10.97 -11.00 -25.38
CA ASP B 368 11.56 -9.67 -25.09
C ASP B 368 12.20 -9.19 -26.38
N PRO B 369 11.49 -8.36 -27.19
CA PRO B 369 11.98 -7.93 -28.50
C PRO B 369 12.87 -6.68 -28.46
N MET B 370 13.30 -6.25 -27.28
CA MET B 370 14.05 -4.99 -27.08
C MET B 370 15.56 -5.28 -27.10
N HIS B 371 16.02 -6.19 -26.25
CA HIS B 371 17.42 -6.26 -25.72
C HIS B 371 18.33 -6.96 -26.71
N GLY B 372 17.76 -7.63 -27.70
CA GLY B 372 18.49 -8.27 -28.80
C GLY B 372 18.48 -7.39 -30.03
N ASN B 373 17.75 -6.28 -29.99
CA ASN B 373 17.70 -5.30 -31.12
C ASN B 373 18.38 -3.99 -30.68
N ARG B 384 16.74 1.97 -30.96
CA ARG B 384 16.03 0.73 -31.39
C ARG B 384 14.97 1.09 -32.43
N HIS B 385 15.02 0.45 -33.61
CA HIS B 385 14.00 0.59 -34.69
C HIS B 385 12.75 -0.18 -34.28
N PHE B 386 11.61 0.50 -34.25
CA PHE B 386 10.28 -0.07 -33.93
C PHE B 386 10.04 -1.30 -34.82
N ASP B 387 10.36 -1.22 -36.10
CA ASP B 387 10.02 -2.28 -37.09
C ASP B 387 10.75 -3.57 -36.73
N ARG B 388 11.98 -3.46 -36.23
CA ARG B 388 12.79 -4.64 -35.79
C ARG B 388 12.17 -5.24 -34.52
N ILE B 389 11.68 -4.40 -33.62
CA ILE B 389 10.98 -4.85 -32.37
C ILE B 389 9.74 -5.64 -32.79
N VAL B 390 8.92 -5.09 -33.68
CA VAL B 390 7.69 -5.78 -34.17
C VAL B 390 8.10 -7.09 -34.84
N ASP B 391 9.14 -7.08 -35.66
CA ASP B 391 9.57 -8.27 -36.42
C ASP B 391 10.05 -9.37 -35.48
N GLU B 392 10.70 -9.03 -34.36
CA GLU B 392 11.16 -10.10 -33.44
C GLU B 392 9.92 -10.79 -32.86
N VAL B 393 8.90 -10.04 -32.46
CA VAL B 393 7.68 -10.66 -31.85
C VAL B 393 7.00 -11.51 -32.94
N GLN B 394 6.91 -11.01 -34.17
CA GLN B 394 6.35 -11.75 -35.32
C GLN B 394 7.08 -13.09 -35.46
N GLY B 395 8.42 -13.05 -35.42
CA GLY B 395 9.25 -14.26 -35.54
C GLY B 395 9.00 -15.24 -34.42
N PHE B 396 8.92 -14.72 -33.18
CA PHE B 396 8.56 -15.51 -31.98
C PHE B 396 7.24 -16.26 -32.22
N PHE B 397 6.21 -15.57 -32.70
CA PHE B 397 4.87 -16.17 -32.96
C PHE B 397 5.02 -17.27 -34.03
N GLU B 398 5.75 -16.99 -35.10
CA GLU B 398 6.03 -17.95 -36.21
C GLU B 398 6.65 -19.23 -35.62
N VAL B 399 7.62 -19.10 -34.72
CA VAL B 399 8.32 -20.25 -34.14
C VAL B 399 7.32 -21.15 -33.41
N HIS B 400 6.47 -20.57 -32.55
CA HIS B 400 5.50 -21.33 -31.72
C HIS B 400 4.42 -21.94 -32.61
N ARG B 401 3.92 -21.20 -33.59
CA ARG B 401 2.86 -21.67 -34.51
C ARG B 401 3.37 -22.92 -35.25
N ALA B 402 4.60 -22.91 -35.75
CA ALA B 402 5.22 -24.09 -36.43
C ALA B 402 5.37 -25.28 -35.46
N LEU B 403 5.66 -25.04 -34.18
CA LEU B 403 5.91 -26.13 -33.20
C LEU B 403 4.60 -26.53 -32.46
N GLY B 404 3.54 -25.77 -32.61
CA GLY B 404 2.27 -25.97 -31.87
C GLY B 404 2.43 -25.66 -30.38
N THR B 405 3.44 -24.87 -30.03
CA THR B 405 3.69 -24.41 -28.64
C THR B 405 3.01 -23.04 -28.43
N HIS B 406 2.93 -22.59 -27.18
N HIS B 406 2.93 -22.59 -27.18
CA HIS B 406 2.18 -21.37 -26.79
CA HIS B 406 2.18 -21.37 -26.79
C HIS B 406 3.12 -20.17 -26.77
C HIS B 406 3.11 -20.16 -26.77
N PRO B 407 2.86 -19.15 -27.62
CA PRO B 407 3.58 -17.89 -27.54
C PRO B 407 2.95 -17.16 -26.35
N GLY B 408 3.60 -17.24 -25.18
CA GLY B 408 2.93 -17.01 -23.88
C GLY B 408 2.89 -15.56 -23.46
N GLY B 409 3.74 -14.69 -24.01
CA GLY B 409 3.72 -13.31 -23.56
C GLY B 409 4.81 -12.47 -24.16
N ILE B 410 4.79 -11.19 -23.80
CA ILE B 410 5.81 -10.19 -24.19
C ILE B 410 6.32 -9.48 -22.94
N HIS B 411 7.55 -9.05 -23.02
CA HIS B 411 8.24 -8.23 -21.99
C HIS B 411 8.79 -7.01 -22.73
N VAL B 412 8.24 -5.84 -22.47
CA VAL B 412 8.61 -4.60 -23.21
C VAL B 412 9.02 -3.53 -22.20
N GLU B 413 9.81 -2.59 -22.66
CA GLU B 413 10.23 -1.38 -21.90
C GLU B 413 9.53 -0.20 -22.56
N ILE B 414 8.67 0.49 -21.80
CA ILE B 414 7.66 1.49 -22.29
C ILE B 414 7.69 2.72 -21.38
N LEU B 446 10.19 2.32 -26.25
CA LEU B 446 8.86 2.67 -26.82
C LEU B 446 8.22 3.76 -25.97
N ASN B 447 7.78 4.84 -26.58
CA ASN B 447 6.94 5.86 -25.89
C ASN B 447 5.52 5.28 -25.75
N THR B 448 4.63 6.02 -25.11
CA THR B 448 3.20 5.65 -24.90
C THR B 448 2.59 5.18 -26.23
N GLN B 449 2.75 5.94 -27.31
CA GLN B 449 2.06 5.65 -28.59
C GLN B 449 2.64 4.38 -29.22
N GLN B 450 3.96 4.20 -29.22
CA GLN B 450 4.58 3.02 -29.86
C GLN B 450 4.20 1.75 -29.08
N SER B 451 4.10 1.85 -27.75
CA SER B 451 3.77 0.67 -26.92
C SER B 451 2.32 0.24 -27.21
N LEU B 452 1.40 1.19 -27.35
CA LEU B 452 -0.01 0.95 -27.77
C LEU B 452 -0.01 0.32 -29.17
N GLU B 453 0.72 0.90 -30.11
CA GLU B 453 0.85 0.38 -31.49
C GLU B 453 1.29 -1.09 -31.43
N LEU B 454 2.27 -1.42 -30.59
CA LEU B 454 2.79 -2.79 -30.51
C LEU B 454 1.69 -3.72 -29.98
N ALA B 455 0.90 -3.26 -29.01
CA ALA B 455 -0.24 -4.02 -28.48
C ALA B 455 -1.22 -4.33 -29.63
N PHE B 456 -1.54 -3.36 -30.48
CA PHE B 456 -2.46 -3.56 -31.62
C PHE B 456 -1.88 -4.61 -32.59
N LEU B 457 -0.58 -4.53 -32.86
CA LEU B 457 0.09 -5.43 -33.83
C LEU B 457 0.18 -6.85 -33.27
N VAL B 458 0.47 -7.00 -31.98
CA VAL B 458 0.55 -8.33 -31.31
C VAL B 458 -0.88 -8.90 -31.18
N ALA B 459 -1.90 -8.06 -30.92
CA ALA B 459 -3.32 -8.50 -30.92
C ALA B 459 -3.64 -9.14 -32.28
N GLU B 460 -3.25 -8.52 -33.39
CA GLU B 460 -3.43 -9.14 -34.74
C GLU B 460 -2.65 -10.46 -34.83
N MET B 461 -1.44 -10.53 -34.29
CA MET B 461 -0.63 -11.76 -34.29
C MET B 461 -1.38 -12.88 -33.55
N LEU B 462 -2.06 -12.56 -32.45
CA LEU B 462 -2.76 -13.58 -31.60
C LEU B 462 -4.03 -14.07 -32.32
N ARG B 463 -4.50 -13.30 -33.29
CA ARG B 463 -5.75 -13.47 -34.05
C ARG B 463 -5.51 -14.27 -35.34
N ASP B 464 -4.24 -14.37 -35.78
CA ASP B 464 -3.80 -14.90 -37.10
C ASP B 464 -3.95 -16.42 -37.11
P PO4 C . -7.65 14.28 22.54
O1 PO4 C . -6.94 13.03 22.04
O2 PO4 C . -9.15 14.07 22.51
O3 PO4 C . -7.31 15.42 21.65
O4 PO4 C . -7.22 14.57 23.97
S SO4 D . -9.01 9.43 -8.39
O1 SO4 D . -8.62 8.86 -7.13
O2 SO4 D . -9.58 8.39 -9.22
O3 SO4 D . -7.85 9.99 -9.04
O4 SO4 D . -10.01 10.44 -8.20
S SO4 E . 1.66 26.42 22.03
O1 SO4 E . 2.74 25.55 21.64
O2 SO4 E . 0.43 25.68 22.05
O3 SO4 E . 1.93 26.93 23.35
O4 SO4 E . 1.57 27.51 21.10
S SO4 F . 7.78 21.86 22.71
O1 SO4 F . 9.17 21.98 23.07
O2 SO4 F . 7.53 20.53 22.14
O3 SO4 F . 6.97 22.02 23.87
O4 SO4 F . 7.45 22.84 21.76
MN MN G . -4.21 8.76 22.90
CL CL H . -15.29 11.20 34.73
CL CL I . -15.98 25.76 0.41
CL CL J . 14.03 6.60 16.24
C1 PEG K . -10.14 1.76 0.06
O1 PEG K . -9.31 2.76 -0.35
C2 PEG K . -9.83 1.30 1.46
O2 PEG K . -8.44 1.39 1.70
C3 PEG K . -7.70 0.41 0.98
C4 PEG K . -8.15 -0.96 1.31
O4 PEG K . -8.29 -1.17 2.68
O1 PG4 L . 13.95 8.72 3.09
C1 PG4 L . 14.20 7.36 3.01
C2 PG4 L . 14.58 6.80 4.33
O2 PG4 L . 13.42 6.64 5.14
C3 PG4 L . 12.79 5.40 4.92
C4 PG4 L . 12.91 4.57 6.12
O3 PG4 L . 11.95 3.52 6.06
C5 PG4 L . 12.43 2.35 6.69
C6 PG4 L . 11.92 2.25 8.07
O4 PG4 L . 13.03 2.32 8.97
C7 PG4 L . 12.64 2.68 10.29
C8 PG4 L . 12.66 4.11 10.40
O5 PG4 L . 12.02 4.72 9.36
P PO4 M . 18.98 -8.42 -20.50
O1 PO4 M . 18.12 -9.42 -21.26
O2 PO4 M . 20.05 -7.95 -21.37
O3 PO4 M . 18.12 -7.26 -20.11
O4 PO4 M . 19.53 -9.06 -19.28
S SO4 N . 20.62 -13.02 5.86
O1 SO4 N . 19.44 -13.79 6.27
O2 SO4 N . 21.70 -13.88 5.48
O3 SO4 N . 20.29 -12.19 4.72
O4 SO4 N . 21.04 -12.23 6.96
S SO4 O . -0.43 -14.06 3.30
O1 SO4 O . 0.20 -13.59 4.51
O2 SO4 O . 0.11 -15.36 2.95
O3 SO4 O . -1.83 -14.20 3.50
O4 SO4 O . -0.19 -13.13 2.25
S SO4 P . 26.45 -1.37 -21.27
O1 SO4 P . 26.81 -1.17 -22.65
O2 SO4 P . 26.27 -2.78 -21.04
O3 SO4 P . 25.21 -0.69 -20.99
O4 SO4 P . 27.51 -0.87 -20.42
MN MN Q . 16.45 -2.31 -20.41
CL CL R . 27.38 -10.85 4.94
CL CL S . 12.20 -26.74 -2.34
CL CL T . 19.31 -9.39 -35.08
C1 PEG U . 31.38 -9.68 -12.28
O1 PEG U . 30.78 -8.45 -12.62
C2 PEG U . 32.26 -9.59 -11.06
O2 PEG U . 33.03 -10.80 -10.95
C3 PEG U . 32.24 -11.97 -10.71
C4 PEG U . 31.79 -12.57 -12.02
O4 PEG U . 31.23 -13.88 -11.87
C1 PEG V . -5.10 12.52 -7.48
O1 PEG V . -4.24 11.86 -6.59
C2 PEG V . -5.14 13.98 -7.24
O2 PEG V . -3.95 14.38 -6.58
C3 PEG V . -2.77 13.98 -7.26
C4 PEG V . -2.01 15.18 -7.73
O4 PEG V . -2.78 16.01 -8.56
C1 PEG W . -3.03 -4.54 -7.25
O1 PEG W . -2.75 -4.03 -8.55
C2 PEG W . -1.77 -4.93 -6.49
O2 PEG W . -1.09 -6.00 -7.14
C3 PEG W . -1.87 -7.18 -7.14
C4 PEG W . -1.77 -7.83 -5.78
O4 PEG W . -2.84 -8.69 -5.57
#